data_6BJD
#
_entry.id   6BJD
#
_cell.length_a   60.280
_cell.length_b   105.360
_cell.length_c   225.360
_cell.angle_alpha   90.000
_cell.angle_beta   90.000
_cell.angle_gamma   90.000
#
_symmetry.space_group_name_H-M   'P 21 21 21'
#
loop_
_entity.id
_entity.type
_entity.pdbx_description
1 polymer Calpain-3
2 non-polymer 'CALCIUM ION'
3 non-polymer 'CHLORIDE ION'
4 non-polymer N-[N-[1-HYDROXYCARBOXYETHYL-CARBONYL]LEUCYLAMINO-BUTYL]-GUANIDINE
5 non-polymer sorbitol
6 water water
#
_entity_poly.entity_id   1
_entity_poly.type   'polypeptide(L)'
_entity_poly.pdbx_seq_one_letter_code
;IISRNFPIIGVKEKTFEQLHKKCLEKKVLYVDPEFPPDETSLFYSQKFPIQFVWKRPPEICENPRFIIDGANRTDICQGE
LGDCWFLAAIACLTLNQHLLFRVIPHDQSFIENYAGIFHFQFWRYGEWVDVVIDDCLPTYNNQLVFTKSNHRNEFWSALL
EKAYAKLHGSYEALKGGNTTEAMEDFTGGVAEFFEIRDAPSDMYKIMKKAIERGSLMGCSIDDGTNMTYGTSPSGLNMGE
LIARMVRNMDNSLLQDSDLDPRGSDERPTRTIIPVQYETRMACGLVRGHAYSVTGLDEVPFKGEKVKLVRLRNPWGQVEW
NGSWSDRWKDWSFVDKDEKARLQHQVTEDGEFWMSYEDFIYHFTKLEICNLTADLEHHHHHH
;
_entity_poly.pdbx_strand_id   A,B,C,D
#
# COMPACT_ATOMS: atom_id res chain seq x y z
N ILE A 8 -21.35 -35.74 -3.15
CA ILE A 8 -22.04 -36.70 -2.21
C ILE A 8 -23.32 -36.11 -1.57
N ILE A 9 -23.19 -34.91 -0.98
CA ILE A 9 -24.30 -34.12 -0.36
C ILE A 9 -24.16 -32.58 -0.64
N GLY A 10 -25.24 -31.80 -0.44
CA GLY A 10 -25.20 -30.30 -0.40
C GLY A 10 -25.35 -29.66 0.99
N VAL A 11 -24.23 -29.52 1.71
CA VAL A 11 -24.19 -29.41 3.19
C VAL A 11 -24.23 -28.00 3.81
N LYS A 12 -24.51 -26.98 2.99
CA LYS A 12 -24.23 -25.56 3.32
C LYS A 12 -24.70 -25.08 4.71
N GLU A 13 -25.75 -25.70 5.24
CA GLU A 13 -26.35 -25.32 6.53
C GLU A 13 -27.03 -26.49 7.29
N LYS A 14 -26.49 -27.71 7.12
CA LYS A 14 -27.10 -28.93 7.70
C LYS A 14 -26.30 -29.46 8.89
N THR A 15 -27.00 -29.98 9.90
CA THR A 15 -26.37 -30.47 11.12
C THR A 15 -25.73 -31.85 10.94
N PHE A 16 -24.83 -32.18 11.86
CA PHE A 16 -24.15 -33.48 11.88
C PHE A 16 -25.15 -34.62 11.81
N GLU A 17 -26.20 -34.56 12.63
CA GLU A 17 -27.22 -35.61 12.68
C GLU A 17 -27.86 -35.85 11.32
N GLN A 18 -28.24 -34.77 10.66
CA GLN A 18 -28.83 -34.84 9.32
C GLN A 18 -27.89 -35.49 8.31
N LEU A 19 -26.67 -35.00 8.27
CA LEU A 19 -25.65 -35.52 7.35
C LEU A 19 -25.29 -36.98 7.62
N HIS A 20 -25.13 -37.32 8.90
CA HIS A 20 -24.83 -38.69 9.35
C HIS A 20 -25.88 -39.69 8.89
N LYS A 21 -27.14 -39.33 9.13
CA LYS A 21 -28.30 -40.17 8.79
C LYS A 21 -28.42 -40.36 7.27
N LYS A 22 -28.23 -39.26 6.54
CA LYS A 22 -28.25 -39.28 5.08
C LYS A 22 -27.19 -40.19 4.46
N CYS A 23 -25.97 -40.11 4.99
CA CYS A 23 -24.88 -40.99 4.55
C CYS A 23 -25.15 -42.46 4.84
N LEU A 24 -25.74 -42.75 6.00
CA LEU A 24 -26.12 -44.13 6.36
C LEU A 24 -27.23 -44.67 5.45
N GLU A 25 -28.23 -43.83 5.17
CA GLU A 25 -29.29 -44.17 4.19
C GLU A 25 -28.75 -44.46 2.80
N LYS A 26 -27.89 -43.56 2.30
CA LYS A 26 -27.29 -43.74 0.97
C LYS A 26 -26.18 -44.80 0.91
N LYS A 27 -25.71 -45.29 2.07
CA LYS A 27 -24.62 -46.28 2.19
C LYS A 27 -23.29 -45.78 1.56
N VAL A 28 -22.95 -44.53 1.87
CA VAL A 28 -21.75 -43.88 1.35
C VAL A 28 -20.95 -43.23 2.47
N LEU A 29 -19.62 -43.20 2.32
CA LEU A 29 -18.78 -42.47 3.23
C LEU A 29 -18.81 -40.99 2.89
N TYR A 30 -18.99 -40.14 3.91
CA TYR A 30 -19.09 -38.70 3.72
C TYR A 30 -17.81 -38.11 3.15
N VAL A 31 -17.93 -37.20 2.19
CA VAL A 31 -16.84 -36.35 1.71
C VAL A 31 -17.29 -34.92 1.92
N ASP A 32 -16.48 -34.15 2.65
CA ASP A 32 -16.86 -32.79 3.09
C ASP A 32 -16.66 -31.80 1.93
N PRO A 33 -17.76 -31.19 1.42
CA PRO A 33 -17.60 -30.19 0.35
C PRO A 33 -16.84 -28.94 0.79
N GLU A 34 -17.09 -28.48 2.01
CA GLU A 34 -16.48 -27.25 2.54
C GLU A 34 -14.97 -27.36 2.87
N PHE A 35 -14.47 -28.57 3.17
CA PHE A 35 -13.06 -28.80 3.57
C PHE A 35 -12.56 -30.14 2.99
N PRO A 36 -12.45 -30.22 1.63
CA PRO A 36 -12.23 -31.49 0.94
C PRO A 36 -10.81 -32.04 1.11
N PRO A 37 -10.63 -33.35 0.84
CA PRO A 37 -9.33 -33.97 1.01
C PRO A 37 -8.42 -33.74 -0.19
N ASP A 38 -7.91 -32.52 -0.30
CA ASP A 38 -7.01 -32.12 -1.40
C ASP A 38 -6.06 -31.01 -0.91
N GLU A 39 -5.23 -30.47 -1.80
CA GLU A 39 -4.25 -29.46 -1.42
C GLU A 39 -4.81 -28.15 -0.87
N THR A 40 -6.06 -27.83 -1.20
CA THR A 40 -6.65 -26.56 -0.72
C THR A 40 -6.84 -26.56 0.80
N SER A 41 -7.15 -27.72 1.38
CA SER A 41 -7.31 -27.87 2.82
C SER A 41 -6.00 -27.92 3.59
N LEU A 42 -4.91 -28.24 2.90
CA LEU A 42 -3.58 -28.29 3.53
C LEU A 42 -2.94 -26.93 3.66
N PHE A 43 -2.82 -26.21 2.55
CA PHE A 43 -2.12 -24.93 2.54
C PHE A 43 -2.84 -23.87 1.74
N TYR A 44 -2.42 -22.63 2.01
CA TYR A 44 -2.92 -21.46 1.27
C TYR A 44 -1.75 -20.73 0.57
N SER A 45 -0.59 -20.71 1.20
CA SER A 45 0.59 -20.07 0.64
C SER A 45 1.71 -21.10 0.32
N GLN A 46 2.49 -21.46 1.34
CA GLN A 46 3.60 -22.37 1.19
C GLN A 46 3.09 -23.81 1.13
N LYS A 47 3.61 -24.60 0.19
CA LYS A 47 3.33 -26.04 0.16
C LYS A 47 4.19 -26.76 1.22
N PHE A 48 3.73 -27.92 1.68
CA PHE A 48 4.59 -28.81 2.46
C PHE A 48 5.52 -29.52 1.47
N PRO A 49 6.76 -29.85 1.90
CA PRO A 49 7.73 -30.40 0.93
C PRO A 49 7.37 -31.80 0.37
N ILE A 50 6.88 -32.68 1.25
CA ILE A 50 6.44 -34.02 0.86
C ILE A 50 4.97 -33.95 0.47
N GLN A 51 4.63 -34.61 -0.64
CA GLN A 51 3.23 -34.66 -1.11
C GLN A 51 2.50 -35.80 -0.39
N PHE A 52 1.30 -35.50 0.11
CA PHE A 52 0.58 -36.39 1.01
C PHE A 52 -0.56 -37.12 0.32
N VAL A 53 -0.85 -38.33 0.82
CA VAL A 53 -2.04 -39.08 0.42
C VAL A 53 -3.06 -38.97 1.54
N TRP A 54 -4.31 -38.68 1.18
CA TRP A 54 -5.39 -38.68 2.17
C TRP A 54 -5.99 -40.07 2.29
N LYS A 55 -6.06 -40.58 3.50
CA LYS A 55 -6.67 -41.87 3.81
C LYS A 55 -7.54 -41.74 5.02
N ARG A 56 -8.56 -42.58 5.11
CA ARG A 56 -9.42 -42.69 6.27
C ARG A 56 -8.82 -43.72 7.24
N PRO A 57 -9.11 -43.59 8.56
CA PRO A 57 -8.47 -44.52 9.52
C PRO A 57 -8.69 -46.03 9.26
N PRO A 58 -9.87 -46.44 8.78
CA PRO A 58 -10.02 -47.83 8.31
C PRO A 58 -9.06 -48.25 7.18
N GLU A 59 -8.67 -47.35 6.30
CA GLU A 59 -7.66 -47.60 5.27
C GLU A 59 -6.23 -47.65 5.86
N ILE A 60 -6.01 -47.05 7.03
CA ILE A 60 -4.67 -46.95 7.66
C ILE A 60 -4.34 -48.17 8.52
N CYS A 61 -5.33 -48.67 9.26
CA CYS A 61 -5.14 -49.84 10.11
C CYS A 61 -6.44 -50.65 10.16
N GLU A 62 -6.33 -51.94 10.47
CA GLU A 62 -7.51 -52.85 10.40
C GLU A 62 -8.65 -52.51 11.35
N ASN A 63 -8.27 -52.13 12.58
CA ASN A 63 -9.24 -51.91 13.66
C ASN A 63 -9.08 -50.52 14.28
N PRO A 64 -9.46 -49.48 13.54
CA PRO A 64 -9.35 -48.13 14.09
C PRO A 64 -10.36 -47.93 15.21
N ARG A 65 -10.00 -47.06 16.15
CA ARG A 65 -10.90 -46.66 17.24
C ARG A 65 -10.83 -45.14 17.42
N PHE A 66 -11.96 -44.54 17.77
CA PHE A 66 -11.99 -43.12 18.11
C PHE A 66 -11.19 -42.86 19.38
N ILE A 67 -11.61 -43.45 20.48
CA ILE A 67 -10.96 -43.28 21.77
C ILE A 67 -10.62 -44.65 22.34
N ILE A 68 -9.34 -44.84 22.71
CA ILE A 68 -8.84 -46.05 23.35
C ILE A 68 -8.28 -45.63 24.70
N ASP A 69 -8.77 -46.27 25.78
CA ASP A 69 -8.34 -46.02 27.16
C ASP A 69 -8.47 -44.56 27.57
N GLY A 70 -9.58 -43.96 27.18
CA GLY A 70 -9.82 -42.55 27.45
C GLY A 70 -9.02 -41.58 26.59
N ALA A 71 -9.41 -40.32 26.68
CA ALA A 71 -8.70 -39.24 26.01
C ALA A 71 -7.69 -38.66 26.99
N ASN A 72 -6.43 -39.02 26.81
CA ASN A 72 -5.32 -38.65 27.69
C ASN A 72 -4.33 -37.80 26.95
N ARG A 73 -3.53 -37.08 27.73
CA ARG A 73 -2.44 -36.32 27.17
C ARG A 73 -1.45 -37.14 26.35
N THR A 74 -1.25 -38.41 26.69
CA THR A 74 -0.38 -39.30 25.90
C THR A 74 -0.86 -39.53 24.44
N ASP A 75 -2.13 -39.23 24.18
CA ASP A 75 -2.73 -39.31 22.83
C ASP A 75 -2.44 -38.12 21.94
N ILE A 76 -1.76 -37.10 22.46
CA ILE A 76 -1.47 -35.88 21.71
C ILE A 76 0.00 -35.83 21.41
N CYS A 77 0.39 -36.30 20.24
CA CYS A 77 1.79 -36.29 19.81
C CYS A 77 1.96 -35.55 18.50
N GLN A 78 2.81 -34.54 18.50
CA GLN A 78 2.96 -33.62 17.39
C GLN A 78 3.64 -34.30 16.21
N GLY A 79 3.25 -33.90 15.02
CA GLY A 79 3.87 -34.39 13.79
C GLY A 79 4.60 -33.27 13.06
N GLU A 80 4.54 -33.28 11.74
CA GLU A 80 5.27 -32.33 10.89
C GLU A 80 4.48 -31.06 10.66
N LEU A 81 3.97 -30.46 11.72
CA LEU A 81 3.23 -29.20 11.63
C LEU A 81 3.39 -28.48 12.94
N GLY A 82 3.77 -27.22 12.86
CA GLY A 82 4.12 -26.46 14.04
C GLY A 82 2.90 -25.92 14.73
N ASP A 83 2.13 -26.79 15.36
CA ASP A 83 0.93 -26.36 16.07
C ASP A 83 1.00 -26.76 17.55
N CYS A 84 2.21 -26.80 18.10
CA CYS A 84 2.44 -27.03 19.53
C CYS A 84 1.57 -26.17 20.44
N TRP A 85 1.30 -24.93 20.02
CA TRP A 85 0.43 -24.00 20.77
C TRP A 85 -0.95 -24.60 21.04
N PHE A 86 -1.49 -25.27 20.03
CA PHE A 86 -2.80 -25.89 20.06
C PHE A 86 -2.72 -27.25 20.77
N LEU A 87 -1.66 -28.01 20.49
CA LEU A 87 -1.52 -29.34 21.08
C LEU A 87 -1.27 -29.29 22.57
N ALA A 88 -0.52 -28.30 23.02
CA ALA A 88 -0.32 -28.08 24.44
C ALA A 88 -1.64 -27.80 25.11
N ALA A 89 -2.50 -27.02 24.45
CA ALA A 89 -3.82 -26.73 24.99
C ALA A 89 -4.75 -27.94 25.12
N ILE A 90 -4.75 -28.83 24.13
CA ILE A 90 -5.61 -30.04 24.22
C ILE A 90 -5.10 -30.93 25.35
N ALA A 91 -3.79 -31.11 25.40
CA ALA A 91 -3.17 -31.88 26.44
C ALA A 91 -3.57 -31.36 27.82
N CYS A 92 -3.53 -30.04 28.00
CA CYS A 92 -3.99 -29.40 29.23
C CYS A 92 -5.45 -29.73 29.51
N LEU A 93 -6.27 -29.61 28.48
CA LEU A 93 -7.70 -29.91 28.58
C LEU A 93 -7.99 -31.33 29.08
N THR A 94 -7.18 -32.33 28.70
CA THR A 94 -7.42 -33.70 29.15
C THR A 94 -7.24 -33.89 30.65
N LEU A 95 -6.58 -32.94 31.30
CA LEU A 95 -6.49 -32.92 32.77
C LEU A 95 -7.80 -32.55 33.43
N ASN A 96 -8.77 -32.06 32.67
CA ASN A 96 -10.07 -31.72 33.20
C ASN A 96 -11.11 -32.38 32.27
N GLN A 97 -11.34 -33.67 32.52
CA GLN A 97 -12.19 -34.53 31.64
C GLN A 97 -13.60 -33.98 31.45
N HIS A 98 -14.17 -33.50 32.54
CA HIS A 98 -15.43 -32.76 32.54
C HIS A 98 -15.52 -31.77 31.34
N LEU A 99 -14.49 -30.93 31.17
CA LEU A 99 -14.49 -29.95 30.10
C LEU A 99 -14.18 -30.55 28.74
N LEU A 100 -13.32 -31.57 28.73
CA LEU A 100 -12.96 -32.23 27.50
C LEU A 100 -14.16 -32.75 26.72
N PHE A 101 -15.13 -33.33 27.40
CA PHE A 101 -16.30 -33.94 26.75
C PHE A 101 -17.27 -32.96 26.12
N ARG A 102 -17.15 -31.67 26.43
CA ARG A 102 -17.90 -30.63 25.72
C ARG A 102 -17.34 -30.34 24.36
N VAL A 103 -16.05 -30.61 24.19
CA VAL A 103 -15.33 -30.38 22.93
C VAL A 103 -15.38 -31.62 22.04
N ILE A 104 -15.27 -32.77 22.69
CA ILE A 104 -15.26 -34.05 22.00
C ILE A 104 -16.56 -34.80 22.31
N PRO A 105 -17.47 -34.93 21.32
CA PRO A 105 -18.60 -35.81 21.48
C PRO A 105 -18.12 -37.27 21.51
N HIS A 106 -18.44 -37.94 22.62
CA HIS A 106 -17.85 -39.25 22.94
C HIS A 106 -18.69 -40.41 22.33
N ASP A 107 -19.91 -40.08 21.90
CA ASP A 107 -20.78 -40.99 21.14
C ASP A 107 -20.39 -41.03 19.66
N GLN A 108 -19.17 -41.46 19.39
CA GLN A 108 -18.64 -41.48 18.02
C GLN A 108 -17.73 -42.67 17.87
N SER A 109 -17.80 -43.31 16.70
CA SER A 109 -17.21 -44.63 16.54
C SER A 109 -16.94 -45.04 15.11
N PHE A 110 -15.93 -45.89 14.97
CA PHE A 110 -15.63 -46.61 13.74
C PHE A 110 -16.34 -47.96 13.63
N ILE A 111 -16.79 -48.50 14.76
CA ILE A 111 -17.40 -49.84 14.80
C ILE A 111 -18.92 -49.85 14.88
N GLU A 112 -19.55 -48.69 14.95
CA GLU A 112 -21.02 -48.60 15.05
C GLU A 112 -21.49 -47.32 14.38
N ASN A 113 -22.38 -47.45 13.40
CA ASN A 113 -22.87 -46.34 12.59
C ASN A 113 -21.79 -45.49 11.91
N TYR A 114 -20.73 -46.15 11.47
CA TYR A 114 -19.64 -45.47 10.79
C TYR A 114 -20.12 -45.04 9.40
N ALA A 115 -20.06 -43.75 9.12
CA ALA A 115 -20.40 -43.19 7.81
C ALA A 115 -19.32 -42.24 7.29
N GLY A 116 -18.11 -42.37 7.81
CA GLY A 116 -16.98 -41.50 7.47
C GLY A 116 -17.12 -40.03 7.89
N ILE A 117 -17.89 -39.79 8.93
CA ILE A 117 -18.20 -38.42 9.34
C ILE A 117 -18.09 -38.27 10.87
N PHE A 118 -17.50 -37.16 11.31
CA PHE A 118 -17.29 -36.89 12.74
C PHE A 118 -17.51 -35.43 13.00
N HIS A 119 -17.62 -35.08 14.27
CA HIS A 119 -17.79 -33.68 14.65
C HIS A 119 -17.18 -33.34 15.98
N PHE A 120 -16.90 -32.06 16.16
CA PHE A 120 -16.35 -31.52 17.41
C PHE A 120 -16.97 -30.17 17.70
N GLN A 121 -16.86 -29.73 18.95
CA GLN A 121 -17.41 -28.44 19.34
C GLN A 121 -16.37 -27.50 19.91
N PHE A 122 -16.39 -26.26 19.40
CA PHE A 122 -15.52 -25.21 19.90
C PHE A 122 -16.36 -24.01 20.34
N TRP A 123 -15.81 -23.22 21.25
CA TRP A 123 -16.44 -22.02 21.76
C TRP A 123 -16.01 -20.85 20.93
N ARG A 124 -16.95 -20.24 20.21
CA ARG A 124 -16.67 -19.18 19.22
C ARG A 124 -17.74 -18.09 19.25
N TYR A 125 -17.32 -16.85 19.52
CA TYR A 125 -18.19 -15.69 19.59
C TYR A 125 -19.32 -15.91 20.60
N GLY A 126 -18.96 -16.43 21.77
CA GLY A 126 -19.88 -16.58 22.88
C GLY A 126 -20.88 -17.72 22.83
N GLU A 127 -20.65 -18.70 21.96
CA GLU A 127 -21.48 -19.92 21.91
C GLU A 127 -20.69 -21.12 21.43
N TRP A 128 -21.23 -22.30 21.71
CA TRP A 128 -20.69 -23.54 21.16
C TRP A 128 -21.02 -23.66 19.71
N VAL A 129 -20.05 -24.05 18.92
CA VAL A 129 -20.16 -24.14 17.49
C VAL A 129 -19.80 -25.57 17.15
N ASP A 130 -20.61 -26.21 16.33
CA ASP A 130 -20.35 -27.57 15.86
C ASP A 130 -19.57 -27.52 14.55
N VAL A 131 -18.54 -28.36 14.44
CA VAL A 131 -17.69 -28.43 13.23
C VAL A 131 -17.69 -29.86 12.73
N VAL A 132 -18.23 -30.07 11.55
CA VAL A 132 -18.33 -31.39 10.91
C VAL A 132 -17.19 -31.60 9.92
N ILE A 133 -16.66 -32.81 9.88
CA ILE A 133 -15.55 -33.18 8.99
C ILE A 133 -15.74 -34.58 8.44
N ASP A 134 -15.18 -34.84 7.26
CA ASP A 134 -15.00 -36.21 6.83
C ASP A 134 -13.77 -36.71 7.62
N ASP A 135 -13.53 -38.01 7.65
CA ASP A 135 -12.38 -38.55 8.39
C ASP A 135 -11.16 -38.83 7.52
N CYS A 136 -11.09 -38.30 6.30
CA CYS A 136 -9.86 -38.37 5.49
C CYS A 136 -8.78 -37.55 6.18
N LEU A 137 -7.62 -38.17 6.40
CA LEU A 137 -6.50 -37.51 7.05
C LEU A 137 -5.26 -37.61 6.18
N PRO A 138 -4.38 -36.60 6.23
CA PRO A 138 -3.13 -36.67 5.47
C PRO A 138 -2.20 -37.75 6.01
N THR A 139 -1.58 -38.48 5.09
CA THR A 139 -0.67 -39.59 5.41
C THR A 139 0.54 -39.62 4.49
N TYR A 140 1.60 -40.23 4.99
CA TYR A 140 2.76 -40.56 4.17
C TYR A 140 3.30 -41.90 4.60
N ASN A 141 3.44 -42.77 3.62
CA ASN A 141 3.72 -44.21 3.81
C ASN A 141 2.75 -44.81 4.78
N ASN A 142 1.48 -44.50 4.58
CA ASN A 142 0.41 -45.05 5.39
C ASN A 142 0.52 -44.76 6.91
N GLN A 143 1.06 -43.60 7.24
CA GLN A 143 1.13 -43.14 8.62
C GLN A 143 0.73 -41.69 8.63
N LEU A 144 0.14 -41.25 9.73
CA LEU A 144 -0.28 -39.87 9.86
C LEU A 144 0.96 -38.98 9.93
N VAL A 145 0.94 -37.88 9.18
CA VAL A 145 2.09 -36.98 9.12
C VAL A 145 2.01 -35.89 10.17
N PHE A 146 0.79 -35.43 10.43
CA PHE A 146 0.49 -34.46 11.49
C PHE A 146 0.24 -35.21 12.81
N THR A 147 -0.52 -34.61 13.72
CA THR A 147 -0.73 -35.16 15.04
C THR A 147 -1.35 -36.57 15.04
N LYS A 148 -0.79 -37.42 15.89
CA LYS A 148 -1.24 -38.77 16.12
C LYS A 148 -1.27 -39.06 17.65
N SER A 149 -1.84 -40.20 18.03
CA SER A 149 -1.72 -40.70 19.40
C SER A 149 -0.54 -41.64 19.43
N ASN A 150 0.00 -41.87 20.62
CA ASN A 150 1.05 -42.88 20.77
C ASN A 150 0.51 -44.32 20.59
N HIS A 151 -0.82 -44.47 20.63
CA HIS A 151 -1.48 -45.70 20.24
C HIS A 151 -1.83 -45.57 18.74
N ARG A 152 -1.33 -46.51 17.94
CA ARG A 152 -1.42 -46.41 16.47
C ARG A 152 -2.85 -46.51 15.93
N ASN A 153 -3.73 -47.16 16.68
CA ASN A 153 -5.14 -47.32 16.33
C ASN A 153 -6.09 -46.23 16.83
N GLU A 154 -5.61 -45.27 17.62
CA GLU A 154 -6.46 -44.23 18.22
C GLU A 154 -6.44 -43.00 17.34
N PHE A 155 -7.61 -42.43 17.08
CA PHE A 155 -7.74 -41.34 16.10
C PHE A 155 -8.44 -40.05 16.53
N TRP A 156 -8.91 -39.93 17.77
CA TRP A 156 -9.61 -38.72 18.17
C TRP A 156 -8.77 -37.43 18.05
N SER A 157 -7.50 -37.50 18.39
CA SER A 157 -6.66 -36.31 18.40
C SER A 157 -6.28 -35.86 16.97
N ALA A 158 -6.09 -36.81 16.06
CA ALA A 158 -5.90 -36.50 14.64
C ALA A 158 -7.11 -35.82 14.03
N LEU A 159 -8.29 -36.33 14.35
CA LEU A 159 -9.53 -35.77 13.86
C LEU A 159 -9.87 -34.43 14.48
N LEU A 160 -9.53 -34.23 15.75
CA LEU A 160 -9.73 -32.94 16.41
C LEU A 160 -8.91 -31.84 15.74
N GLU A 161 -7.65 -32.15 15.46
CA GLU A 161 -6.75 -31.29 14.72
C GLU A 161 -7.31 -30.92 13.34
N LYS A 162 -7.85 -31.90 12.63
CA LYS A 162 -8.47 -31.63 11.33
C LYS A 162 -9.63 -30.64 11.46
N ALA A 163 -10.49 -30.87 12.45
CA ALA A 163 -11.64 -30.01 12.71
C ALA A 163 -11.24 -28.59 13.07
N TYR A 164 -10.16 -28.45 13.84
CA TYR A 164 -9.66 -27.13 14.20
C TYR A 164 -8.97 -26.45 13.02
N ALA A 165 -8.30 -27.24 12.19
CA ALA A 165 -7.73 -26.74 10.94
C ALA A 165 -8.83 -26.26 10.01
N LYS A 166 -9.94 -26.99 9.95
CA LYS A 166 -11.09 -26.56 9.14
C LYS A 166 -11.64 -25.21 9.61
N LEU A 167 -11.77 -25.05 10.91
CA LEU A 167 -12.22 -23.80 11.51
C LEU A 167 -11.32 -22.61 11.17
N HIS A 168 -10.03 -22.85 10.94
CA HIS A 168 -9.07 -21.82 10.48
C HIS A 168 -8.84 -21.79 8.94
N GLY A 169 -9.50 -22.66 8.17
CA GLY A 169 -9.39 -22.67 6.71
C GLY A 169 -8.40 -23.65 6.11
N SER A 170 -7.38 -24.04 6.89
CA SER A 170 -6.35 -24.98 6.40
C SER A 170 -5.47 -25.51 7.52
N TYR A 171 -4.75 -26.58 7.24
CA TYR A 171 -3.71 -27.05 8.17
C TYR A 171 -2.63 -25.99 8.36
N GLU A 172 -2.27 -25.29 7.29
CA GLU A 172 -1.22 -24.27 7.34
C GLU A 172 -1.59 -23.12 8.25
N ALA A 173 -2.89 -22.84 8.37
CA ALA A 173 -3.37 -21.79 9.26
C ALA A 173 -3.16 -22.07 10.74
N LEU A 174 -2.77 -23.30 11.09
CA LEU A 174 -2.41 -23.63 12.47
C LEU A 174 -0.93 -23.47 12.78
N LYS A 175 -0.13 -22.96 11.84
CA LYS A 175 1.33 -22.87 12.01
C LYS A 175 1.74 -21.90 13.12
N GLY A 176 1.15 -20.72 13.13
CA GLY A 176 1.42 -19.77 14.20
C GLY A 176 0.28 -19.85 15.18
N GLY A 177 0.53 -19.43 16.42
CA GLY A 177 -0.57 -19.22 17.36
C GLY A 177 -0.15 -19.15 18.79
N ASN A 178 -1.11 -18.77 19.62
CA ASN A 178 -0.89 -18.65 21.06
C ASN A 178 -1.70 -19.71 21.77
N THR A 179 -1.09 -20.39 22.74
CA THR A 179 -1.79 -21.40 23.52
C THR A 179 -3.13 -20.90 24.07
N THR A 180 -3.17 -19.66 24.54
CA THR A 180 -4.39 -19.08 25.10
C THR A 180 -5.54 -18.95 24.10
N GLU A 181 -5.24 -18.74 22.81
CA GLU A 181 -6.29 -18.70 21.79
C GLU A 181 -7.06 -20.02 21.76
N ALA A 182 -6.31 -21.13 21.80
CA ALA A 182 -6.88 -22.48 21.84
C ALA A 182 -7.58 -22.82 23.15
N MET A 183 -6.98 -22.44 24.28
CA MET A 183 -7.59 -22.67 25.59
C MET A 183 -8.99 -22.05 25.68
N GLU A 184 -9.15 -20.85 25.14
CA GLU A 184 -10.45 -20.16 25.12
C GLU A 184 -11.42 -20.82 24.16
N ASP A 185 -10.91 -21.30 23.03
CA ASP A 185 -11.74 -22.08 22.09
C ASP A 185 -12.27 -23.40 22.67
N PHE A 186 -11.54 -23.98 23.64
CA PHE A 186 -12.00 -25.21 24.29
C PHE A 186 -12.82 -25.02 25.54
N THR A 187 -12.72 -23.87 26.20
CA THR A 187 -13.33 -23.67 27.52
C THR A 187 -14.26 -22.49 27.65
N GLY A 188 -14.14 -21.48 26.80
CA GLY A 188 -14.76 -20.18 27.05
C GLY A 188 -14.23 -19.45 28.29
N GLY A 189 -13.04 -19.82 28.74
CA GLY A 189 -12.44 -19.20 29.91
C GLY A 189 -11.83 -17.87 29.51
N VAL A 190 -11.26 -17.21 30.51
CA VAL A 190 -10.54 -15.98 30.28
C VAL A 190 -9.08 -16.29 30.51
N ALA A 191 -8.26 -16.00 29.49
CA ALA A 191 -6.84 -16.20 29.55
C ALA A 191 -6.16 -15.03 30.27
N GLU A 192 -5.04 -15.32 30.93
CA GLU A 192 -4.09 -14.29 31.35
C GLU A 192 -2.67 -14.82 31.18
N PHE A 193 -1.74 -13.94 30.75
CA PHE A 193 -0.34 -14.37 30.57
C PHE A 193 0.58 -13.60 31.48
N PHE A 194 1.66 -14.24 31.90
CA PHE A 194 2.58 -13.74 32.90
C PHE A 194 4.01 -13.89 32.40
N GLU A 195 4.79 -12.81 32.50
CA GLU A 195 6.20 -12.88 32.28
C GLU A 195 6.82 -13.37 33.58
N ILE A 196 7.51 -14.50 33.50
CA ILE A 196 8.06 -15.18 34.65
C ILE A 196 9.17 -14.36 35.33
N ARG A 197 9.80 -13.43 34.62
CA ARG A 197 10.76 -12.51 35.24
C ARG A 197 10.09 -11.47 36.16
N ASP A 198 8.84 -11.07 35.85
CA ASP A 198 8.02 -10.32 36.83
C ASP A 198 7.06 -11.20 37.61
N ALA A 199 7.43 -12.45 37.82
CA ALA A 199 6.58 -13.39 38.55
C ALA A 199 6.50 -12.90 40.00
N PRO A 200 5.29 -12.82 40.57
CA PRO A 200 5.16 -12.54 41.99
C PRO A 200 5.87 -13.59 42.84
N SER A 201 6.04 -13.27 44.12
CA SER A 201 6.75 -14.16 45.04
C SER A 201 6.01 -15.49 45.29
N ASP A 202 4.69 -15.49 45.10
CA ASP A 202 3.85 -16.63 45.44
C ASP A 202 3.32 -17.39 44.21
N MET A 203 4.07 -17.36 43.11
CA MET A 203 3.55 -17.91 41.85
C MET A 203 3.35 -19.42 41.87
N TYR A 204 4.11 -20.11 42.70
CA TYR A 204 3.96 -21.53 42.85
C TYR A 204 2.57 -21.76 43.40
N LYS A 205 2.23 -21.02 44.42
CA LYS A 205 0.89 -21.08 45.03
C LYS A 205 -0.23 -20.75 44.04
N ILE A 206 -0.01 -19.76 43.18
CA ILE A 206 -0.95 -19.40 42.11
C ILE A 206 -1.12 -20.53 41.09
N MET A 207 0.00 -21.17 40.76
CA MET A 207 0.02 -22.25 39.81
C MET A 207 -0.66 -23.48 40.40
N LYS A 208 -0.45 -23.70 41.68
CA LYS A 208 -1.02 -24.82 42.41
C LYS A 208 -2.51 -24.70 42.53
N LYS A 209 -3.00 -23.54 42.90
CA LYS A 209 -4.44 -23.28 42.96
C LYS A 209 -5.11 -23.43 41.58
N ALA A 210 -4.41 -23.02 40.52
CA ALA A 210 -4.96 -23.05 39.17
C ALA A 210 -5.17 -24.48 38.66
N ILE A 211 -4.16 -25.32 38.85
CA ILE A 211 -4.31 -26.72 38.38
C ILE A 211 -5.36 -27.48 39.20
N GLU A 212 -5.36 -27.29 40.53
CA GLU A 212 -6.39 -27.90 41.41
C GLU A 212 -7.84 -27.45 41.11
N ARG A 213 -8.00 -26.29 40.49
CA ARG A 213 -9.31 -25.79 40.09
C ARG A 213 -9.71 -26.29 38.69
N GLY A 214 -8.78 -26.96 38.02
CA GLY A 214 -8.97 -27.39 36.63
C GLY A 214 -8.78 -26.28 35.60
N SER A 215 -8.01 -25.25 35.94
CA SER A 215 -7.63 -24.22 34.96
C SER A 215 -6.53 -24.83 34.11
N LEU A 216 -6.46 -24.45 32.84
CA LEU A 216 -5.46 -24.95 31.91
C LEU A 216 -4.22 -24.05 32.00
N MET A 217 -3.04 -24.64 31.96
CA MET A 217 -1.78 -23.90 32.09
C MET A 217 -0.75 -24.35 31.10
N GLY A 218 -0.31 -23.43 30.26
CA GLY A 218 0.80 -23.65 29.32
C GLY A 218 1.98 -22.78 29.66
N CYS A 219 3.12 -23.09 29.07
CA CYS A 219 4.30 -22.22 29.21
C CYS A 219 5.27 -22.36 28.07
N SER A 220 6.15 -21.38 27.94
CA SER A 220 7.18 -21.38 26.91
C SER A 220 8.39 -20.58 27.30
N ILE A 221 9.46 -20.83 26.54
CA ILE A 221 10.77 -20.19 26.68
C ILE A 221 10.90 -19.33 25.45
N ASP A 222 11.20 -18.05 25.62
CA ASP A 222 11.24 -17.13 24.47
C ASP A 222 12.35 -17.41 23.44
N ASP A 223 12.02 -17.17 22.16
CA ASP A 223 12.90 -17.49 21.03
C ASP A 223 13.75 -16.27 20.69
N GLY A 224 13.32 -15.11 21.20
CA GLY A 224 14.02 -13.84 21.00
C GLY A 224 13.54 -12.75 21.96
N TYR A 277 11.35 -29.73 15.91
CA TYR A 277 12.02 -28.89 14.91
C TYR A 277 12.32 -27.44 15.34
N GLU A 278 11.79 -26.96 16.48
CA GLU A 278 12.24 -25.66 17.03
C GLU A 278 13.50 -25.87 17.88
N THR A 279 14.15 -24.77 18.30
CA THR A 279 15.52 -24.83 18.84
C THR A 279 15.71 -25.74 20.06
N ARG A 280 16.54 -26.78 19.92
CA ARG A 280 16.78 -27.69 21.03
C ARG A 280 18.01 -27.26 21.85
N MET A 281 17.83 -27.42 23.16
CA MET A 281 18.84 -27.07 24.15
C MET A 281 19.44 -28.33 24.75
N ALA A 282 20.71 -28.24 25.12
CA ALA A 282 21.45 -29.36 25.73
C ALA A 282 20.77 -29.89 26.99
N CYS A 283 20.17 -28.98 27.79
CA CYS A 283 19.45 -29.37 29.01
C CYS A 283 18.16 -30.18 28.80
N GLY A 284 17.71 -30.31 27.55
CA GLY A 284 16.54 -31.13 27.20
C GLY A 284 15.30 -30.33 26.85
N LEU A 285 15.35 -29.02 27.08
CA LEU A 285 14.22 -28.14 26.81
C LEU A 285 14.26 -27.61 25.40
N VAL A 286 13.13 -27.12 24.93
CA VAL A 286 12.98 -26.62 23.57
C VAL A 286 12.51 -25.17 23.66
N ARG A 287 13.23 -24.27 22.99
CA ARG A 287 12.87 -22.86 22.95
C ARG A 287 11.78 -22.62 21.96
N GLY A 288 10.99 -21.58 22.20
CA GLY A 288 9.92 -21.15 21.29
C GLY A 288 8.85 -22.22 21.06
N HIS A 289 8.65 -23.04 22.10
CA HIS A 289 7.83 -24.21 22.05
C HIS A 289 6.91 -24.24 23.24
N ALA A 290 5.66 -24.60 23.01
CA ALA A 290 4.63 -24.62 24.05
C ALA A 290 4.70 -25.92 24.81
N TYR A 291 4.78 -25.82 26.13
CA TYR A 291 4.70 -26.97 27.04
C TYR A 291 3.38 -26.94 27.80
N SER A 292 2.83 -28.09 28.16
CA SER A 292 1.67 -28.17 29.06
C SER A 292 2.14 -28.34 30.48
N VAL A 293 1.59 -27.57 31.41
CA VAL A 293 1.88 -27.76 32.84
C VAL A 293 0.87 -28.77 33.35
N THR A 294 1.37 -29.90 33.83
CA THR A 294 0.51 -31.04 34.18
C THR A 294 0.58 -31.44 35.65
N GLY A 295 1.29 -30.68 36.47
CA GLY A 295 1.34 -30.96 37.89
C GLY A 295 2.32 -30.11 38.65
N LEU A 296 2.08 -29.97 39.94
CA LEU A 296 2.92 -29.20 40.85
C LEU A 296 2.86 -29.88 42.17
N ASP A 297 4.00 -30.13 42.78
CA ASP A 297 4.00 -30.79 44.06
C ASP A 297 5.23 -30.53 44.85
N GLU A 298 5.18 -30.87 46.12
CA GLU A 298 6.31 -30.70 47.00
C GLU A 298 6.71 -32.09 47.43
N VAL A 299 7.99 -32.28 47.64
CA VAL A 299 8.43 -33.60 48.01
C VAL A 299 9.57 -33.54 49.00
N PRO A 300 9.58 -34.46 49.96
CA PRO A 300 10.72 -34.50 50.88
C PRO A 300 12.00 -34.97 50.17
N PHE A 301 13.10 -34.26 50.41
CA PHE A 301 14.39 -34.60 49.83
C PHE A 301 15.50 -34.08 50.74
N LYS A 302 16.12 -34.98 51.49
CA LYS A 302 17.25 -34.68 52.37
C LYS A 302 16.90 -33.60 53.42
N GLY A 303 15.75 -33.79 54.07
CA GLY A 303 15.31 -32.90 55.14
C GLY A 303 14.34 -31.82 54.66
N GLU A 304 14.80 -31.00 53.71
CA GLU A 304 13.98 -29.91 53.17
C GLU A 304 12.96 -30.45 52.15
N LYS A 305 11.86 -29.71 52.00
CA LYS A 305 10.82 -30.01 51.01
C LYS A 305 11.12 -29.21 49.73
N VAL A 306 11.19 -29.90 48.61
CA VAL A 306 11.51 -29.27 47.34
C VAL A 306 10.27 -29.16 46.50
N LYS A 307 10.13 -28.03 45.84
CA LYS A 307 8.97 -27.77 45.03
C LYS A 307 9.24 -28.14 43.61
N LEU A 308 8.33 -28.89 43.03
CA LEU A 308 8.47 -29.34 41.67
C LEU A 308 7.35 -28.92 40.75
N VAL A 309 7.67 -28.89 39.48
CA VAL A 309 6.72 -28.57 38.42
C VAL A 309 6.81 -29.69 37.41
N ARG A 310 5.67 -30.18 36.94
CA ARG A 310 5.66 -31.23 35.92
C ARG A 310 5.16 -30.66 34.63
N LEU A 311 5.93 -30.88 33.57
CA LEU A 311 5.61 -30.38 32.25
C LEU A 311 5.48 -31.54 31.29
N ARG A 312 4.82 -31.30 30.16
CA ARG A 312 4.79 -32.25 29.05
C ARG A 312 5.07 -31.57 27.71
N ASN A 313 6.12 -32.03 27.05
CA ASN A 313 6.43 -31.65 25.68
C ASN A 313 5.41 -32.28 24.73
N PRO A 314 4.65 -31.48 23.95
CA PRO A 314 3.65 -32.04 23.03
C PRO A 314 4.18 -32.93 21.92
N TRP A 315 5.49 -32.95 21.71
CA TRP A 315 6.15 -33.96 20.86
C TRP A 315 5.93 -35.42 21.31
N GLY A 316 5.68 -35.62 22.60
CA GLY A 316 5.62 -36.96 23.18
C GLY A 316 6.99 -37.54 23.45
N GLN A 317 8.02 -36.73 23.31
CA GLN A 317 9.39 -37.14 23.58
C GLN A 317 10.27 -35.91 23.74
N VAL A 318 11.53 -36.13 24.11
CA VAL A 318 12.51 -35.07 24.32
C VAL A 318 12.18 -34.32 25.62
N GLU A 319 12.80 -34.79 26.69
CA GLU A 319 12.54 -34.31 28.03
C GLU A 319 13.76 -33.61 28.63
N TRP A 320 13.50 -32.70 29.56
CA TRP A 320 14.51 -32.18 30.46
C TRP A 320 15.34 -33.32 31.06
N ASN A 321 16.64 -33.09 31.13
CA ASN A 321 17.60 -34.13 31.60
C ASN A 321 18.32 -33.77 32.89
N GLY A 322 18.02 -32.59 33.44
CA GLY A 322 18.61 -32.15 34.70
C GLY A 322 17.95 -32.76 35.93
N SER A 323 18.10 -32.06 37.05
CA SER A 323 17.61 -32.52 38.34
C SER A 323 16.09 -32.80 38.34
N TRP A 324 15.73 -34.00 38.77
CA TRP A 324 14.36 -34.51 38.86
C TRP A 324 13.82 -35.11 37.56
N SER A 325 14.64 -35.12 36.51
CA SER A 325 14.31 -35.81 35.27
C SER A 325 14.20 -37.30 35.52
N ASP A 326 13.66 -38.01 34.54
CA ASP A 326 13.34 -39.43 34.68
C ASP A 326 14.52 -40.26 35.22
N ARG A 327 15.67 -40.12 34.55
CA ARG A 327 16.86 -40.95 34.82
C ARG A 327 17.87 -40.33 35.79
N TRP A 328 17.45 -39.31 36.53
CA TRP A 328 18.27 -38.68 37.58
C TRP A 328 18.49 -39.68 38.70
N LYS A 329 19.76 -39.90 39.04
CA LYS A 329 20.14 -40.93 40.02
C LYS A 329 19.55 -40.68 41.41
N ASP A 330 19.48 -39.40 41.81
CA ASP A 330 19.04 -39.04 43.17
C ASP A 330 17.53 -39.22 43.42
N TRP A 331 16.79 -39.74 42.45
CA TRP A 331 15.48 -40.35 42.72
C TRP A 331 15.60 -41.50 43.73
N SER A 332 16.75 -42.18 43.75
CA SER A 332 17.06 -43.20 44.77
C SER A 332 16.80 -42.72 46.21
N PHE A 333 17.11 -41.45 46.47
CA PHE A 333 16.97 -40.84 47.79
C PHE A 333 15.52 -40.50 48.20
N VAL A 334 14.56 -40.67 47.28
CA VAL A 334 13.15 -40.35 47.51
C VAL A 334 12.37 -41.60 47.95
N ASP A 335 11.41 -41.39 48.85
CA ASP A 335 10.59 -42.47 49.41
C ASP A 335 9.77 -43.17 48.33
N LYS A 336 9.55 -44.48 48.51
CA LYS A 336 8.78 -45.29 47.54
C LYS A 336 7.34 -44.82 47.38
N ASP A 337 6.71 -44.41 48.47
CA ASP A 337 5.32 -43.92 48.44
C ASP A 337 5.19 -42.58 47.72
N GLU A 338 6.16 -41.69 47.93
CA GLU A 338 6.18 -40.39 47.25
C GLU A 338 6.31 -40.53 45.73
N LYS A 339 7.22 -41.40 45.29
CA LYS A 339 7.36 -41.72 43.87
C LYS A 339 6.04 -42.20 43.26
N ALA A 340 5.28 -42.97 44.03
CA ALA A 340 3.96 -43.42 43.60
C ALA A 340 2.97 -42.25 43.51
N ARG A 341 3.04 -41.36 44.48
CA ARG A 341 2.17 -40.23 44.51
C ARG A 341 2.38 -39.30 43.35
N LEU A 342 3.63 -39.12 42.97
CA LEU A 342 3.98 -38.25 41.87
C LEU A 342 3.98 -38.94 40.54
N GLN A 343 3.58 -40.20 40.52
CA GLN A 343 3.50 -41.00 39.30
C GLN A 343 4.83 -40.95 38.52
N HIS A 344 5.93 -41.09 39.26
CA HIS A 344 7.27 -41.09 38.68
C HIS A 344 7.46 -42.32 37.79
N GLN A 345 7.84 -42.10 36.55
CA GLN A 345 8.04 -43.16 35.58
C GLN A 345 9.24 -42.82 34.74
N VAL A 346 10.11 -43.81 34.53
CA VAL A 346 11.21 -43.67 33.58
C VAL A 346 10.70 -44.15 32.22
N THR A 347 10.05 -43.25 31.50
CA THR A 347 9.58 -43.51 30.14
C THR A 347 9.68 -42.23 29.30
N GLU A 348 10.18 -42.36 28.07
CA GLU A 348 10.31 -41.21 27.17
C GLU A 348 8.92 -40.95 26.54
N ASP A 349 8.14 -40.13 27.26
CA ASP A 349 6.78 -39.74 26.86
C ASP A 349 6.59 -38.22 26.72
N GLY A 350 7.67 -37.47 26.86
CA GLY A 350 7.62 -36.01 26.86
C GLY A 350 7.29 -35.37 28.19
N GLU A 351 6.96 -36.17 29.20
CA GLU A 351 6.56 -35.64 30.51
C GLU A 351 7.67 -35.86 31.52
N PHE A 352 7.89 -34.86 32.37
CA PHE A 352 8.99 -34.89 33.31
C PHE A 352 8.77 -33.89 34.43
N TRP A 353 9.44 -34.11 35.52
CA TRP A 353 9.37 -33.16 36.57
C TRP A 353 10.66 -32.40 36.57
N MET A 354 10.58 -31.14 36.90
CA MET A 354 11.74 -30.32 37.17
C MET A 354 11.48 -29.55 38.46
N SER A 355 12.54 -29.03 39.06
CA SER A 355 12.41 -28.20 40.26
C SER A 355 11.74 -26.88 39.91
N TYR A 356 10.99 -26.34 40.85
CA TYR A 356 10.38 -25.02 40.67
C TYR A 356 11.42 -23.95 40.39
N GLU A 357 12.58 -24.05 41.02
CA GLU A 357 13.64 -23.05 40.81
C GLU A 357 14.19 -23.12 39.38
N ASP A 358 14.48 -24.32 38.90
CA ASP A 358 14.95 -24.50 37.51
C ASP A 358 13.90 -24.06 36.49
N PHE A 359 12.63 -24.28 36.84
CA PHE A 359 11.50 -23.87 36.00
C PHE A 359 11.47 -22.36 35.74
N ILE A 360 11.47 -21.57 36.81
CA ILE A 360 11.42 -20.09 36.67
C ILE A 360 12.70 -19.52 36.05
N TYR A 361 13.83 -20.22 36.23
CA TYR A 361 15.10 -19.85 35.59
C TYR A 361 15.04 -19.99 34.06
N HIS A 362 14.42 -21.07 33.57
CA HIS A 362 14.39 -21.34 32.12
C HIS A 362 13.21 -20.80 31.37
N PHE A 363 12.02 -20.93 31.95
CA PHE A 363 10.80 -20.54 31.24
C PHE A 363 10.53 -19.05 31.41
N THR A 364 9.88 -18.47 30.39
CA THR A 364 9.64 -17.03 30.37
C THR A 364 8.15 -16.65 30.37
N LYS A 365 7.33 -17.32 29.60
CA LYS A 365 5.87 -17.08 29.55
C LYS A 365 5.14 -18.17 30.35
N LEU A 366 4.12 -17.75 31.11
CA LEU A 366 3.16 -18.66 31.71
C LEU A 366 1.77 -18.16 31.37
N GLU A 367 0.91 -19.06 30.87
CA GLU A 367 -0.43 -18.74 30.40
C GLU A 367 -1.44 -19.56 31.17
N ILE A 368 -2.42 -18.91 31.83
CA ILE A 368 -3.47 -19.59 32.58
C ILE A 368 -4.84 -19.22 32.00
N CYS A 369 -5.64 -20.22 31.64
CA CYS A 369 -7.01 -20.01 31.20
C CYS A 369 -7.95 -20.41 32.31
N ASN A 370 -8.56 -19.38 32.94
CA ASN A 370 -9.44 -19.56 34.10
C ASN A 370 -10.92 -19.67 33.69
N LEU A 371 -11.62 -20.59 34.32
CA LEU A 371 -13.02 -20.88 33.97
C LEU A 371 -13.97 -19.88 34.61
N THR A 372 -14.93 -19.42 33.81
CA THR A 372 -15.80 -18.29 34.20
C THR A 372 -16.96 -18.75 35.11
N GLU B 13 -18.22 37.09 -15.31
CA GLU B 13 -17.79 35.88 -14.56
C GLU B 13 -18.87 35.35 -13.59
N LYS B 14 -18.95 34.03 -13.50
CA LYS B 14 -19.77 33.33 -12.48
C LYS B 14 -18.87 32.71 -11.39
N THR B 15 -19.38 32.66 -10.17
CA THR B 15 -18.62 32.15 -9.02
C THR B 15 -18.57 30.62 -8.97
N PHE B 16 -17.61 30.11 -8.21
CA PHE B 16 -17.45 28.66 -8.01
C PHE B 16 -18.77 28.01 -7.59
N GLU B 17 -19.44 28.62 -6.61
CA GLU B 17 -20.69 28.06 -6.07
C GLU B 17 -21.75 27.91 -7.17
N GLN B 18 -21.91 28.97 -7.96
CA GLN B 18 -22.85 28.95 -9.08
C GLN B 18 -22.54 27.85 -10.09
N LEU B 19 -21.28 27.79 -10.53
CA LEU B 19 -20.84 26.78 -11.49
C LEU B 19 -20.95 25.36 -10.95
N HIS B 20 -20.57 25.16 -9.69
CA HIS B 20 -20.65 23.86 -9.02
C HIS B 20 -22.07 23.33 -8.99
N LYS B 21 -22.99 24.19 -8.58
CA LYS B 21 -24.42 23.83 -8.44
C LYS B 21 -25.04 23.52 -9.81
N LYS B 22 -24.70 24.34 -10.81
CA LYS B 22 -25.15 24.14 -12.18
C LYS B 22 -24.69 22.80 -12.78
N CYS B 23 -23.43 22.46 -12.56
CA CYS B 23 -22.90 21.17 -13.01
C CYS B 23 -23.58 19.99 -12.34
N LEU B 24 -23.86 20.11 -11.06
CA LEU B 24 -24.59 19.07 -10.32
C LEU B 24 -26.02 18.90 -10.82
N GLU B 25 -26.71 20.02 -11.06
CA GLU B 25 -28.05 20.02 -11.66
C GLU B 25 -28.06 19.36 -13.04
N LYS B 26 -27.14 19.76 -13.91
CA LYS B 26 -27.04 19.18 -15.26
C LYS B 26 -26.44 17.76 -15.30
N LYS B 27 -25.87 17.29 -14.19
CA LYS B 27 -25.20 15.97 -14.11
C LYS B 27 -24.03 15.82 -15.10
N VAL B 28 -23.19 16.84 -15.15
CA VAL B 28 -22.03 16.89 -16.07
C VAL B 28 -20.77 17.33 -15.32
N LEU B 29 -19.61 16.82 -15.76
CA LEU B 29 -18.34 17.27 -15.25
C LEU B 29 -17.95 18.59 -15.90
N TYR B 30 -17.52 19.55 -15.08
CA TYR B 30 -17.13 20.89 -15.57
C TYR B 30 -15.93 20.83 -16.51
N VAL B 31 -16.00 21.59 -17.60
CA VAL B 31 -14.84 21.85 -18.48
C VAL B 31 -14.62 23.35 -18.52
N ASP B 32 -13.42 23.80 -18.16
CA ASP B 32 -13.12 25.23 -17.99
C ASP B 32 -12.90 25.89 -19.36
N PRO B 33 -13.79 26.83 -19.77
CA PRO B 33 -13.57 27.52 -21.04
C PRO B 33 -12.31 28.39 -21.07
N GLU B 34 -12.02 29.06 -19.95
CA GLU B 34 -10.88 30.00 -19.85
C GLU B 34 -9.50 29.32 -19.82
N PHE B 35 -9.42 28.06 -19.36
CA PHE B 35 -8.11 27.33 -19.23
C PHE B 35 -8.33 25.85 -19.58
N PRO B 36 -8.65 25.57 -20.86
CA PRO B 36 -9.10 24.24 -21.30
C PRO B 36 -8.01 23.19 -21.31
N PRO B 37 -8.41 21.90 -21.32
CA PRO B 37 -7.42 20.83 -21.25
C PRO B 37 -6.86 20.50 -22.62
N ASP B 38 -5.99 21.37 -23.10
CA ASP B 38 -5.34 21.21 -24.42
C ASP B 38 -3.94 21.86 -24.40
N GLU B 39 -3.25 21.90 -25.54
CA GLU B 39 -1.89 22.44 -25.59
C GLU B 39 -1.74 23.92 -25.24
N THR B 40 -2.82 24.69 -25.38
CA THR B 40 -2.75 26.13 -25.08
C THR B 40 -2.48 26.40 -23.60
N SER B 41 -3.04 25.57 -22.73
CA SER B 41 -2.85 25.68 -21.29
C SER B 41 -1.49 25.18 -20.80
N LEU B 42 -0.83 24.35 -21.60
CA LEU B 42 0.49 23.84 -21.25
C LEU B 42 1.61 24.81 -21.56
N PHE B 43 1.68 25.25 -22.81
CA PHE B 43 2.80 26.08 -23.27
C PHE B 43 2.34 27.23 -24.15
N TYR B 44 3.24 28.20 -24.28
CA TYR B 44 3.05 29.32 -25.21
C TYR B 44 4.15 29.33 -26.27
N SER B 45 5.37 28.97 -25.90
CA SER B 45 6.49 28.96 -26.84
C SER B 45 7.03 27.54 -27.07
N GLN B 46 7.87 27.07 -26.15
CA GLN B 46 8.47 25.74 -26.27
C GLN B 46 7.45 24.67 -25.90
N LYS B 47 7.36 23.61 -26.69
CA LYS B 47 6.55 22.44 -26.33
C LYS B 47 7.33 21.59 -25.33
N PHE B 48 6.61 20.81 -24.52
CA PHE B 48 7.25 19.76 -23.73
C PHE B 48 7.58 18.59 -24.66
N PRO B 49 8.67 17.86 -24.36
CA PRO B 49 9.11 16.83 -25.35
C PRO B 49 8.13 15.63 -25.51
N ILE B 50 7.58 15.16 -24.40
CA ILE B 50 6.57 14.09 -24.41
C ILE B 50 5.21 14.73 -24.56
N GLN B 51 4.36 14.16 -25.41
CA GLN B 51 2.99 14.64 -25.58
C GLN B 51 2.08 14.04 -24.51
N PHE B 52 1.28 14.90 -23.87
CA PHE B 52 0.52 14.53 -22.68
C PHE B 52 -0.95 14.29 -22.95
N VAL B 53 -1.54 13.40 -22.17
CA VAL B 53 -2.98 13.19 -22.18
C VAL B 53 -3.54 13.83 -20.91
N TRP B 54 -4.64 14.56 -21.05
CA TRP B 54 -5.33 15.11 -19.90
C TRP B 54 -6.34 14.10 -19.38
N LYS B 55 -6.26 13.82 -18.08
CA LYS B 55 -7.21 12.94 -17.41
C LYS B 55 -7.61 13.58 -16.09
N ARG B 56 -8.80 13.21 -15.62
CA ARG B 56 -9.28 13.61 -14.30
C ARG B 56 -8.85 12.56 -13.27
N PRO B 57 -8.68 12.95 -11.99
CA PRO B 57 -8.19 11.96 -11.00
C PRO B 57 -9.00 10.66 -10.87
N PRO B 58 -10.34 10.73 -10.97
CA PRO B 58 -11.13 9.47 -11.08
C PRO B 58 -10.77 8.55 -12.26
N GLU B 59 -10.35 9.11 -13.39
CA GLU B 59 -9.84 8.34 -14.52
C GLU B 59 -8.42 7.77 -14.26
N ILE B 60 -7.67 8.36 -13.33
CA ILE B 60 -6.27 7.97 -13.05
C ILE B 60 -6.17 6.84 -12.02
N CYS B 61 -7.00 6.90 -10.99
CA CYS B 61 -7.02 5.87 -9.94
C CYS B 61 -8.44 5.67 -9.44
N GLU B 62 -8.69 4.50 -8.87
CA GLU B 62 -10.06 4.11 -8.44
C GLU B 62 -10.65 5.01 -7.35
N ASN B 63 -9.80 5.38 -6.39
CA ASN B 63 -10.26 6.11 -5.20
C ASN B 63 -9.46 7.39 -4.97
N PRO B 64 -9.68 8.39 -5.83
CA PRO B 64 -8.95 9.64 -5.65
C PRO B 64 -9.44 10.37 -4.43
N ARG B 65 -8.56 11.14 -3.80
CA ARG B 65 -8.90 12.01 -2.67
C ARG B 65 -8.24 13.36 -2.85
N PHE B 66 -8.93 14.41 -2.42
CA PHE B 66 -8.34 15.75 -2.42
C PHE B 66 -7.21 15.80 -1.40
N ILE B 67 -7.51 15.56 -0.14
CA ILE B 67 -6.51 15.62 0.92
C ILE B 67 -6.53 14.31 1.68
N ILE B 68 -5.36 13.67 1.83
CA ILE B 68 -5.16 12.44 2.60
C ILE B 68 -4.14 12.76 3.67
N ASP B 69 -4.49 12.50 4.94
CA ASP B 69 -3.62 12.72 6.12
C ASP B 69 -3.13 14.16 6.21
N GLY B 70 -4.00 15.10 5.92
CA GLY B 70 -3.65 16.51 5.92
C GLY B 70 -2.83 16.97 4.73
N ALA B 71 -2.71 18.28 4.60
CA ALA B 71 -1.87 18.89 3.58
C ALA B 71 -0.49 19.15 4.19
N ASN B 72 0.45 18.29 3.84
CA ASN B 72 1.82 18.29 4.38
C ASN B 72 2.80 18.57 3.28
N ARG B 73 3.98 19.00 3.70
CA ARG B 73 5.07 19.18 2.78
C ARG B 73 5.45 17.92 2.00
N THR B 74 5.27 16.74 2.57
CA THR B 74 5.52 15.47 1.83
C THR B 74 4.60 15.27 0.59
N ASP B 75 3.50 16.02 0.52
CA ASP B 75 2.58 16.03 -0.62
C ASP B 75 3.02 16.88 -1.79
N ILE B 76 4.13 17.59 -1.66
CA ILE B 76 4.64 18.47 -2.70
C ILE B 76 5.90 17.85 -3.27
N CYS B 77 5.76 17.12 -4.36
CA CYS B 77 6.90 16.51 -5.04
C CYS B 77 6.97 16.96 -6.49
N GLN B 78 8.12 17.50 -6.87
CA GLN B 78 8.28 18.13 -8.17
C GLN B 78 8.29 17.09 -9.29
N GLY B 79 7.74 17.46 -10.44
CA GLY B 79 7.74 16.61 -11.62
C GLY B 79 8.56 17.24 -12.72
N GLU B 80 8.12 17.07 -13.96
CA GLU B 80 8.88 17.51 -15.14
C GLU B 80 8.61 18.97 -15.48
N LEU B 81 8.72 19.85 -14.50
CA LEU B 81 8.48 21.27 -14.71
C LEU B 81 9.25 22.02 -13.66
N GLY B 82 10.03 23.00 -14.10
CA GLY B 82 10.96 23.68 -13.22
C GLY B 82 10.26 24.77 -12.44
N ASP B 83 9.43 24.38 -11.48
CA ASP B 83 8.73 25.34 -10.65
C ASP B 83 9.06 25.14 -9.17
N CYS B 84 10.28 24.67 -8.89
CA CYS B 84 10.79 24.57 -7.51
C CYS B 84 10.59 25.82 -6.66
N TRP B 85 10.68 26.99 -7.30
CA TRP B 85 10.43 28.28 -6.61
C TRP B 85 9.06 28.35 -5.94
N PHE B 86 8.07 27.82 -6.64
CA PHE B 86 6.68 27.81 -6.21
C PHE B 86 6.44 26.64 -5.26
N LEU B 87 7.03 25.49 -5.55
CA LEU B 87 6.86 24.31 -4.73
C LEU B 87 7.48 24.45 -3.36
N ALA B 88 8.62 25.10 -3.30
CA ALA B 88 9.27 25.40 -2.04
C ALA B 88 8.38 26.29 -1.20
N ALA B 89 7.73 27.24 -1.83
CA ALA B 89 6.79 28.13 -1.13
C ALA B 89 5.55 27.42 -0.55
N ILE B 90 4.96 26.48 -1.30
CA ILE B 90 3.79 25.75 -0.76
C ILE B 90 4.22 24.89 0.41
N ALA B 91 5.35 24.20 0.24
CA ALA B 91 5.91 23.39 1.30
C ALA B 91 6.10 24.22 2.57
N CYS B 92 6.66 25.42 2.45
CA CYS B 92 6.78 26.35 3.56
C CYS B 92 5.43 26.67 4.19
N LEU B 93 4.47 26.97 3.33
CA LEU B 93 3.11 27.28 3.77
C LEU B 93 2.46 26.18 4.62
N THR B 94 2.73 24.90 4.32
CA THR B 94 2.13 23.80 5.10
C THR B 94 2.62 23.76 6.54
N LEU B 95 3.74 24.43 6.82
CA LEU B 95 4.20 24.61 8.20
C LEU B 95 3.36 25.54 9.02
N ASN B 96 2.48 26.28 8.37
CA ASN B 96 1.59 27.20 9.04
C ASN B 96 0.18 26.91 8.52
N GLN B 97 -0.43 25.86 9.08
CA GLN B 97 -1.73 25.30 8.62
C GLN B 97 -2.84 26.35 8.61
N HIS B 98 -2.87 27.13 9.67
CA HIS B 98 -3.72 28.31 9.76
C HIS B 98 -3.79 29.10 8.43
N LEU B 99 -2.64 29.44 7.86
CA LEU B 99 -2.57 30.20 6.62
C LEU B 99 -2.87 29.36 5.40
N LEU B 100 -2.46 28.10 5.43
CA LEU B 100 -2.71 27.19 4.32
C LEU B 100 -4.19 27.11 3.94
N PHE B 101 -5.08 27.06 4.92
CA PHE B 101 -6.51 26.90 4.67
C PHE B 101 -7.21 28.11 4.04
N ARG B 102 -6.55 29.26 4.03
CA ARG B 102 -7.05 30.41 3.28
C ARG B 102 -6.79 30.30 1.80
N VAL B 103 -5.78 29.51 1.43
CA VAL B 103 -5.41 29.26 0.04
C VAL B 103 -6.13 28.06 -0.51
N ILE B 104 -6.29 27.04 0.33
CA ILE B 104 -6.93 25.80 -0.04
C ILE B 104 -8.26 25.69 0.69
N PRO B 105 -9.39 25.83 -0.04
CA PRO B 105 -10.69 25.50 0.54
C PRO B 105 -10.79 24.01 0.79
N HIS B 106 -11.00 23.66 2.05
CA HIS B 106 -10.85 22.27 2.53
C HIS B 106 -12.18 21.48 2.38
N ASP B 107 -13.27 22.20 2.15
CA ASP B 107 -14.58 21.63 1.82
C ASP B 107 -14.66 21.25 0.34
N GLN B 108 -13.80 20.33 -0.08
CA GLN B 108 -13.71 19.93 -1.48
C GLN B 108 -13.37 18.46 -1.53
N SER B 109 -13.96 17.76 -2.48
CA SER B 109 -13.96 16.30 -2.45
C SER B 109 -14.29 15.64 -3.79
N PHE B 110 -13.74 14.44 -3.94
CA PHE B 110 -14.09 13.52 -5.02
C PHE B 110 -15.25 12.59 -4.65
N ILE B 111 -15.51 12.41 -3.36
CA ILE B 111 -16.50 11.44 -2.88
C ILE B 111 -17.83 12.04 -2.45
N GLU B 112 -17.97 13.36 -2.51
CA GLU B 112 -19.20 14.05 -2.14
C GLU B 112 -19.33 15.32 -2.97
N ASN B 113 -20.44 15.45 -3.67
CA ASN B 113 -20.71 16.59 -4.58
C ASN B 113 -19.65 16.81 -5.65
N TYR B 114 -19.08 15.73 -6.16
CA TYR B 114 -18.07 15.82 -7.20
C TYR B 114 -18.73 16.23 -8.53
N ALA B 115 -18.29 17.35 -9.09
CA ALA B 115 -18.76 17.84 -10.39
C ALA B 115 -17.60 18.20 -11.32
N GLY B 116 -16.43 17.64 -11.06
CA GLY B 116 -15.20 17.93 -11.81
C GLY B 116 -14.67 19.37 -11.72
N ILE B 117 -14.98 20.06 -10.63
CA ILE B 117 -14.65 21.47 -10.48
C ILE B 117 -14.05 21.75 -9.08
N PHE B 118 -13.00 22.55 -9.03
CA PHE B 118 -12.31 22.88 -7.80
C PHE B 118 -11.92 24.34 -7.82
N HIS B 119 -11.54 24.86 -6.68
CA HIS B 119 -11.07 26.25 -6.61
C HIS B 119 -10.02 26.47 -5.54
N PHE B 120 -9.25 27.53 -5.72
CA PHE B 120 -8.22 27.94 -4.76
C PHE B 120 -8.20 29.45 -4.68
N GLN B 121 -7.59 29.96 -3.62
CA GLN B 121 -7.51 31.40 -3.41
C GLN B 121 -6.08 31.89 -3.30
N PHE B 122 -5.77 32.96 -4.03
CA PHE B 122 -4.48 33.62 -3.96
C PHE B 122 -4.66 35.09 -3.62
N TRP B 123 -3.64 35.68 -3.00
CA TRP B 123 -3.63 37.08 -2.63
C TRP B 123 -3.02 37.88 -3.76
N ARG B 124 -3.83 38.72 -4.39
CA ARG B 124 -3.42 39.46 -5.59
C ARG B 124 -3.95 40.89 -5.55
N TYR B 125 -3.02 41.84 -5.53
CA TYR B 125 -3.33 43.27 -5.56
C TYR B 125 -4.21 43.66 -4.38
N GLY B 126 -3.84 43.16 -3.21
CA GLY B 126 -4.47 43.55 -1.95
C GLY B 126 -5.78 42.89 -1.61
N GLU B 127 -6.14 41.81 -2.30
CA GLU B 127 -7.35 41.05 -1.96
C GLU B 127 -7.20 39.58 -2.33
N TRP B 128 -8.05 38.76 -1.72
CA TRP B 128 -8.16 37.36 -2.09
C TRP B 128 -8.87 37.25 -3.41
N VAL B 129 -8.33 36.39 -4.27
CA VAL B 129 -8.84 36.18 -5.59
C VAL B 129 -9.14 34.71 -5.67
N ASP B 130 -10.33 34.37 -6.15
CA ASP B 130 -10.73 32.98 -6.34
C ASP B 130 -10.38 32.53 -7.75
N VAL B 131 -9.81 31.34 -7.88
CA VAL B 131 -9.43 30.78 -9.18
C VAL B 131 -10.09 29.43 -9.32
N VAL B 132 -10.99 29.32 -10.30
CA VAL B 132 -11.74 28.08 -10.57
C VAL B 132 -11.08 27.29 -11.70
N ILE B 133 -11.06 25.97 -11.56
CA ILE B 133 -10.47 25.08 -12.55
C ILE B 133 -11.30 23.82 -12.72
N ASP B 134 -11.22 23.20 -13.88
CA ASP B 134 -11.69 21.82 -14.02
C ASP B 134 -10.57 20.99 -13.42
N ASP B 135 -10.82 19.71 -13.15
CA ASP B 135 -9.78 18.83 -12.57
C ASP B 135 -9.04 17.97 -13.59
N CYS B 136 -9.12 18.29 -14.87
CA CYS B 136 -8.28 17.62 -15.88
C CYS B 136 -6.82 18.01 -15.63
N LEU B 137 -5.96 17.00 -15.54
CA LEU B 137 -4.55 17.21 -15.27
C LEU B 137 -3.72 16.49 -16.33
N PRO B 138 -2.55 17.04 -16.67
CA PRO B 138 -1.66 16.36 -17.61
C PRO B 138 -1.10 15.07 -17.07
N THR B 139 -1.08 14.04 -17.92
CA THR B 139 -0.59 12.71 -17.53
C THR B 139 0.20 12.05 -18.65
N TYR B 140 1.05 11.10 -18.26
CA TYR B 140 1.70 10.22 -19.20
C TYR B 140 1.75 8.82 -18.61
N ASN B 141 1.24 7.86 -19.40
CA ASN B 141 0.95 6.51 -18.97
C ASN B 141 0.14 6.51 -17.72
N ASN B 142 -0.90 7.34 -17.73
CA ASN B 142 -1.85 7.41 -16.64
C ASN B 142 -1.23 7.80 -15.27
N GLN B 143 -0.17 8.60 -15.29
CA GLN B 143 0.43 9.13 -14.08
C GLN B 143 0.72 10.60 -14.29
N LEU B 144 0.69 11.37 -13.22
CA LEU B 144 0.88 12.81 -13.32
C LEU B 144 2.33 13.12 -13.67
N VAL B 145 2.52 14.02 -14.61
CA VAL B 145 3.87 14.33 -15.11
C VAL B 145 4.50 15.49 -14.34
N PHE B 146 3.66 16.45 -13.95
CA PHE B 146 4.07 17.59 -13.12
C PHE B 146 3.97 17.21 -11.65
N THR B 147 3.78 18.19 -10.77
CA THR B 147 3.75 17.95 -9.33
C THR B 147 2.69 16.95 -8.90
N LYS B 148 3.12 16.06 -8.02
CA LYS B 148 2.29 15.03 -7.41
C LYS B 148 2.57 15.00 -5.89
N SER B 149 1.75 14.25 -5.16
CA SER B 149 2.04 13.92 -3.76
C SER B 149 2.76 12.59 -3.77
N ASN B 150 3.48 12.30 -2.69
CA ASN B 150 4.08 10.98 -2.53
C ASN B 150 3.03 9.88 -2.27
N HIS B 151 1.80 10.29 -1.94
CA HIS B 151 0.65 9.41 -1.92
C HIS B 151 -0.03 9.48 -3.29
N ARG B 152 -0.13 8.33 -3.98
CA ARG B 152 -0.57 8.29 -5.40
C ARG B 152 -2.01 8.74 -5.61
N ASN B 153 -2.83 8.58 -4.58
CA ASN B 153 -4.25 8.95 -4.58
C ASN B 153 -4.59 10.37 -4.14
N GLU B 154 -3.59 11.15 -3.69
CA GLU B 154 -3.81 12.50 -3.16
C GLU B 154 -3.59 13.49 -4.29
N PHE B 155 -4.50 14.46 -4.43
CA PHE B 155 -4.47 15.38 -5.59
C PHE B 155 -4.50 16.87 -5.31
N TRP B 156 -4.54 17.32 -4.06
CA TRP B 156 -4.63 18.78 -3.81
C TRP B 156 -3.46 19.59 -4.36
N SER B 157 -2.25 19.04 -4.29
CA SER B 157 -1.06 19.78 -4.72
C SER B 157 -0.97 19.85 -6.25
N ALA B 158 -1.38 18.79 -6.95
CA ALA B 158 -1.51 18.80 -8.41
C ALA B 158 -2.50 19.85 -8.89
N LEU B 159 -3.64 19.91 -8.23
CA LEU B 159 -4.68 20.86 -8.58
C LEU B 159 -4.32 22.30 -8.22
N LEU B 160 -3.60 22.50 -7.12
CA LEU B 160 -3.13 23.84 -6.72
C LEU B 160 -2.18 24.40 -7.77
N GLU B 161 -1.24 23.56 -8.22
CA GLU B 161 -0.32 23.89 -9.32
C GLU B 161 -1.07 24.27 -10.58
N LYS B 162 -2.11 23.52 -10.94
CA LYS B 162 -2.92 23.85 -12.11
C LYS B 162 -3.55 25.24 -11.97
N ALA B 163 -4.13 25.51 -10.82
CA ALA B 163 -4.77 26.80 -10.53
C ALA B 163 -3.79 27.95 -10.58
N TYR B 164 -2.57 27.74 -10.10
CA TYR B 164 -1.53 28.76 -10.16
C TYR B 164 -1.00 28.95 -11.56
N ALA B 165 -0.91 27.85 -12.31
CA ALA B 165 -0.58 27.90 -13.73
C ALA B 165 -1.63 28.67 -14.51
N LYS B 166 -2.91 28.45 -14.17
CA LYS B 166 -4.00 29.22 -14.81
C LYS B 166 -3.86 30.72 -14.56
N LEU B 167 -3.55 31.08 -13.33
CA LEU B 167 -3.33 32.48 -12.94
C LEU B 167 -2.19 33.14 -13.74
N HIS B 168 -1.20 32.36 -14.16
CA HIS B 168 -0.11 32.83 -15.03
C HIS B 168 -0.29 32.56 -16.54
N GLY B 169 -1.42 31.95 -16.94
CA GLY B 169 -1.73 31.70 -18.34
C GLY B 169 -1.34 30.33 -18.89
N SER B 170 -0.38 29.66 -18.27
CA SER B 170 0.05 28.34 -18.72
C SER B 170 0.95 27.63 -17.72
N TYR B 171 1.13 26.33 -17.87
CA TYR B 171 2.13 25.61 -17.09
C TYR B 171 3.54 26.13 -17.37
N GLU B 172 3.82 26.47 -18.63
CA GLU B 172 5.14 26.96 -19.02
C GLU B 172 5.49 28.27 -18.35
N ALA B 173 4.47 29.07 -18.04
CA ALA B 173 4.67 30.34 -17.35
C ALA B 173 5.17 30.19 -15.91
N LEU B 174 5.16 28.98 -15.36
CA LEU B 174 5.73 28.70 -14.03
C LEU B 174 7.19 28.29 -14.07
N LYS B 175 7.82 28.28 -15.24
CA LYS B 175 9.21 27.78 -15.38
C LYS B 175 10.24 28.65 -14.65
N GLY B 176 10.15 29.95 -14.80
CA GLY B 176 11.03 30.84 -14.03
C GLY B 176 10.26 31.36 -12.85
N GLY B 177 10.97 31.80 -11.82
CA GLY B 177 10.34 32.57 -10.76
C GLY B 177 11.13 32.66 -9.48
N ASN B 178 10.64 33.50 -8.59
CA ASN B 178 11.28 33.73 -7.28
C ASN B 178 10.37 33.18 -6.21
N THR B 179 10.93 32.44 -5.25
CA THR B 179 10.14 31.90 -4.14
C THR B 179 9.29 32.95 -3.46
N THR B 180 9.83 34.15 -3.27
CA THR B 180 9.10 35.25 -2.64
C THR B 180 7.85 35.70 -3.40
N GLU B 181 7.83 35.60 -4.71
CA GLU B 181 6.63 35.93 -5.51
C GLU B 181 5.45 35.05 -5.08
N ALA B 182 5.73 33.76 -4.92
CA ALA B 182 4.74 32.77 -4.48
C ALA B 182 4.35 32.92 -3.00
N MET B 183 5.34 33.17 -2.14
CA MET B 183 5.07 33.38 -0.72
C MET B 183 4.10 34.55 -0.49
N GLU B 184 4.24 35.62 -1.26
CA GLU B 184 3.35 36.79 -1.16
C GLU B 184 1.96 36.44 -1.71
N ASP B 185 1.91 35.65 -2.77
CA ASP B 185 0.64 35.16 -3.32
C ASP B 185 -0.15 34.27 -2.34
N PHE B 186 0.55 33.59 -1.43
CA PHE B 186 -0.11 32.76 -0.43
C PHE B 186 -0.41 33.45 0.89
N THR B 187 0.30 34.52 1.22
CA THR B 187 0.21 35.13 2.55
C THR B 187 -0.10 36.61 2.61
N GLY B 188 0.10 37.34 1.53
CA GLY B 188 0.12 38.80 1.57
C GLY B 188 1.25 39.41 2.40
N GLY B 189 2.29 38.64 2.66
CA GLY B 189 3.39 39.14 3.45
C GLY B 189 4.30 40.06 2.66
N VAL B 190 5.31 40.59 3.33
CA VAL B 190 6.32 41.41 2.71
C VAL B 190 7.61 40.64 2.73
N ALA B 191 8.21 40.49 1.56
CA ALA B 191 9.45 39.72 1.42
C ALA B 191 10.69 40.55 1.80
N GLU B 192 11.71 39.89 2.34
CA GLU B 192 13.02 40.49 2.59
C GLU B 192 14.13 39.45 2.32
N PHE B 193 15.26 39.91 1.79
CA PHE B 193 16.27 39.01 1.21
C PHE B 193 17.59 39.19 1.94
N PHE B 194 18.36 38.12 2.11
CA PHE B 194 19.64 38.16 2.79
C PHE B 194 20.69 37.47 1.93
N GLU B 195 21.81 38.15 1.72
CA GLU B 195 22.99 37.47 1.18
C GLU B 195 23.70 36.89 2.38
N ILE B 196 23.84 35.57 2.39
CA ILE B 196 24.31 34.86 3.58
C ILE B 196 25.78 35.18 3.92
N ARG B 197 26.55 35.66 2.94
CA ARG B 197 27.92 36.12 3.24
C ARG B 197 27.95 37.44 4.03
N ASP B 198 26.95 38.30 3.82
CA ASP B 198 26.71 39.49 4.67
C ASP B 198 25.71 39.20 5.81
N ALA B 199 25.57 37.93 6.22
CA ALA B 199 24.63 37.57 7.24
C ALA B 199 25.05 38.22 8.56
N PRO B 200 24.12 38.88 9.27
CA PRO B 200 24.43 39.37 10.60
C PRO B 200 24.86 38.25 11.53
N SER B 201 25.42 38.63 12.68
CA SER B 201 25.91 37.65 13.64
C SER B 201 24.79 36.82 14.29
N ASP B 202 23.58 37.37 14.31
CA ASP B 202 22.44 36.76 15.00
C ASP B 202 21.40 36.16 14.03
N MET B 203 21.82 35.73 12.85
CA MET B 203 20.85 35.33 11.83
C MET B 203 20.09 34.04 12.19
N TYR B 204 20.75 33.11 12.90
CA TYR B 204 20.03 31.97 13.46
C TYR B 204 18.83 32.47 14.27
N LYS B 205 19.06 33.42 15.17
CA LYS B 205 18.01 34.03 15.98
C LYS B 205 16.89 34.67 15.13
N ILE B 206 17.27 35.35 14.05
CA ILE B 206 16.33 35.94 13.09
C ILE B 206 15.50 34.87 12.39
N MET B 207 16.17 33.79 12.01
CA MET B 207 15.54 32.69 11.33
C MET B 207 14.58 31.96 12.25
N LYS B 208 15.02 31.74 13.49
CA LYS B 208 14.20 31.08 14.52
C LYS B 208 12.96 31.90 14.88
N LYS B 209 13.09 33.20 15.11
CA LYS B 209 11.91 34.06 15.34
C LYS B 209 10.95 34.09 14.18
N ALA B 210 11.47 34.01 12.95
CA ALA B 210 10.66 34.02 11.74
C ALA B 210 9.82 32.76 11.61
N ILE B 211 10.44 31.60 11.80
CA ILE B 211 9.76 30.32 11.72
C ILE B 211 8.68 30.19 12.80
N GLU B 212 8.99 30.59 14.05
CA GLU B 212 8.03 30.60 15.17
C GLU B 212 6.85 31.57 15.02
N ARG B 213 7.02 32.60 14.21
CA ARG B 213 5.95 33.58 13.91
C ARG B 213 5.09 33.10 12.73
N GLY B 214 5.50 32.00 12.11
CA GLY B 214 4.84 31.48 10.93
C GLY B 214 5.22 32.19 9.64
N SER B 215 6.36 32.85 9.61
CA SER B 215 6.86 33.46 8.38
C SER B 215 7.46 32.34 7.54
N LEU B 216 7.35 32.48 6.24
CA LEU B 216 7.83 31.46 5.30
C LEU B 216 9.26 31.75 4.93
N MET B 217 10.10 30.71 4.84
CA MET B 217 11.53 30.89 4.56
C MET B 217 12.05 29.92 3.53
N GLY B 218 12.59 30.47 2.45
CA GLY B 218 13.32 29.68 1.44
C GLY B 218 14.79 30.02 1.44
N CYS B 219 15.59 29.15 0.82
CA CYS B 219 16.99 29.45 0.55
C CYS B 219 17.51 28.78 -0.73
N SER B 220 18.65 29.25 -1.21
CA SER B 220 19.28 28.65 -2.40
C SER B 220 20.78 28.90 -2.46
N ILE B 221 21.43 28.11 -3.31
CA ILE B 221 22.86 28.17 -3.55
C ILE B 221 23.04 28.76 -4.94
N ASP B 222 23.82 29.83 -5.05
CA ASP B 222 24.06 30.50 -6.33
C ASP B 222 24.86 29.64 -7.33
N ASP B 223 24.63 29.88 -8.62
CA ASP B 223 25.43 29.26 -9.72
C ASP B 223 25.85 30.26 -10.83
N THR B 279 21.51 14.30 -7.72
CA THR B 279 22.45 15.19 -6.99
C THR B 279 23.36 16.03 -7.91
N ARG B 280 23.26 17.35 -7.83
CA ARG B 280 24.23 18.20 -8.51
C ARG B 280 25.59 18.25 -7.82
N MET B 281 25.61 18.38 -6.50
CA MET B 281 26.87 18.45 -5.75
C MET B 281 27.12 17.15 -4.99
N ALA B 282 28.39 16.80 -4.85
CA ALA B 282 28.80 15.60 -4.13
C ALA B 282 28.28 15.55 -2.70
N CYS B 283 28.23 16.72 -2.05
CA CYS B 283 27.70 16.83 -0.67
C CYS B 283 26.20 16.57 -0.50
N GLY B 284 25.45 16.47 -1.61
CA GLY B 284 24.02 16.16 -1.59
C GLY B 284 23.12 17.33 -1.90
N LEU B 285 23.69 18.53 -1.96
CA LEU B 285 22.93 19.75 -2.22
C LEU B 285 22.84 20.01 -3.72
N VAL B 286 21.90 20.87 -4.11
CA VAL B 286 21.63 21.16 -5.50
C VAL B 286 21.73 22.67 -5.67
N ARG B 287 22.56 23.12 -6.62
CA ARG B 287 22.72 24.54 -6.92
C ARG B 287 21.56 25.00 -7.76
N GLY B 288 21.27 26.30 -7.70
CA GLY B 288 20.23 26.90 -8.56
C GLY B 288 18.83 26.38 -8.27
N HIS B 289 18.63 25.95 -7.02
CA HIS B 289 17.45 25.21 -6.63
C HIS B 289 16.92 25.78 -5.35
N ALA B 290 15.59 25.93 -5.28
CA ALA B 290 14.92 26.47 -4.10
C ALA B 290 14.75 25.38 -3.07
N TYR B 291 15.18 25.63 -1.85
CA TYR B 291 14.93 24.75 -0.71
C TYR B 291 13.95 25.44 0.24
N SER B 292 13.10 24.67 0.93
CA SER B 292 12.27 25.19 2.01
C SER B 292 13.00 25.03 3.34
N VAL B 293 13.04 26.09 4.14
CA VAL B 293 13.52 25.99 5.52
C VAL B 293 12.34 25.55 6.39
N THR B 294 12.47 24.38 7.01
CA THR B 294 11.39 23.74 7.72
C THR B 294 11.62 23.56 9.22
N GLY B 295 12.72 24.08 9.73
CA GLY B 295 12.97 24.01 11.15
C GLY B 295 14.32 24.53 11.58
N LEU B 296 14.38 24.96 12.83
CA LEU B 296 15.63 25.42 13.47
C LEU B 296 15.66 24.99 14.90
N ASP B 297 16.76 24.39 15.34
CA ASP B 297 16.84 23.89 16.70
C ASP B 297 18.28 23.84 17.18
N GLU B 298 18.41 23.71 18.49
CA GLU B 298 19.68 23.41 19.12
C GLU B 298 19.53 22.00 19.65
N VAL B 299 20.62 21.25 19.63
CA VAL B 299 20.62 19.90 20.15
C VAL B 299 21.87 19.73 21.02
N PRO B 300 21.75 19.04 22.17
CA PRO B 300 22.96 18.68 22.93
C PRO B 300 23.79 17.64 22.18
N PHE B 301 25.10 17.87 22.09
CA PHE B 301 26.02 16.97 21.38
C PHE B 301 27.42 17.12 21.95
N LYS B 302 27.82 16.16 22.77
CA LYS B 302 29.16 16.11 23.37
C LYS B 302 29.47 17.34 24.21
N GLY B 303 28.52 17.72 25.07
CA GLY B 303 28.69 18.84 25.99
C GLY B 303 28.11 20.14 25.46
N GLU B 304 28.58 20.58 24.29
CA GLU B 304 28.10 21.82 23.68
C GLU B 304 26.76 21.61 22.98
N LYS B 305 25.99 22.69 22.87
CA LYS B 305 24.74 22.70 22.10
C LYS B 305 25.04 23.12 20.66
N VAL B 306 24.53 22.36 19.69
CA VAL B 306 24.82 22.59 18.26
C VAL B 306 23.57 23.09 17.55
N LYS B 307 23.68 24.24 16.90
CA LYS B 307 22.58 24.81 16.16
C LYS B 307 22.38 24.08 14.84
N LEU B 308 21.13 23.70 14.57
CA LEU B 308 20.77 22.97 13.36
C LEU B 308 19.73 23.72 12.53
N VAL B 309 19.79 23.53 11.23
CA VAL B 309 18.80 24.03 10.30
C VAL B 309 18.23 22.82 9.57
N ARG B 310 16.91 22.79 9.38
CA ARG B 310 16.29 21.70 8.62
C ARG B 310 15.76 22.25 7.33
N LEU B 311 16.11 21.59 6.23
CA LEU B 311 15.69 21.98 4.90
C LEU B 311 14.91 20.87 4.24
N ARG B 312 14.15 21.21 3.20
CA ARG B 312 13.49 20.22 2.36
C ARG B 312 13.66 20.53 0.87
N ASN B 313 14.24 19.59 0.15
CA ASN B 313 14.32 19.63 -1.30
C ASN B 313 12.93 19.34 -1.88
N PRO B 314 12.35 20.27 -2.68
CA PRO B 314 11.00 20.05 -3.25
C PRO B 314 10.87 18.89 -4.22
N TRP B 315 11.97 18.30 -4.64
CA TRP B 315 11.97 17.01 -5.36
C TRP B 315 11.37 15.85 -4.56
N GLY B 316 11.41 15.93 -3.24
CA GLY B 316 11.01 14.82 -2.38
C GLY B 316 12.10 13.78 -2.23
N GLN B 317 13.29 14.10 -2.72
CA GLN B 317 14.44 13.20 -2.62
C GLN B 317 15.73 13.98 -2.88
N VAL B 318 16.86 13.30 -2.70
CA VAL B 318 18.19 13.89 -2.89
C VAL B 318 18.50 14.87 -1.74
N GLU B 319 19.14 14.32 -0.72
CA GLU B 319 19.42 15.04 0.51
C GLU B 319 20.92 15.24 0.75
N TRP B 320 21.26 16.28 1.50
CA TRP B 320 22.56 16.46 2.11
C TRP B 320 23.02 15.19 2.79
N ASN B 321 24.29 14.87 2.61
CA ASN B 321 24.90 13.62 3.13
C ASN B 321 25.97 13.84 4.18
N GLY B 322 26.27 15.09 4.52
CA GLY B 322 27.25 15.42 5.53
C GLY B 322 26.72 15.30 6.95
N SER B 323 27.36 16.02 7.85
CA SER B 323 27.06 16.00 9.28
C SER B 323 25.60 16.35 9.60
N TRP B 324 24.93 15.47 10.32
CA TRP B 324 23.52 15.58 10.75
C TRP B 324 22.52 15.06 9.71
N SER B 325 23.01 14.59 8.56
CA SER B 325 22.17 13.95 7.57
C SER B 325 21.58 12.67 8.15
N ASP B 326 20.61 12.13 7.43
CA ASP B 326 19.82 10.98 7.91
C ASP B 326 20.71 9.83 8.43
N ARG B 327 21.64 9.41 7.58
CA ARG B 327 22.46 8.20 7.82
C ARG B 327 23.81 8.47 8.50
N TRP B 328 24.00 9.68 9.05
CA TRP B 328 25.20 10.04 9.78
C TRP B 328 25.30 9.21 11.04
N LYS B 329 26.44 8.55 11.21
CA LYS B 329 26.63 7.61 12.33
C LYS B 329 26.52 8.27 13.71
N ASP B 330 27.02 9.50 13.82
CA ASP B 330 27.06 10.20 15.13
C ASP B 330 25.69 10.67 15.66
N TRP B 331 24.61 10.36 14.94
CA TRP B 331 23.26 10.37 15.54
C TRP B 331 23.19 9.42 16.75
N SER B 332 23.98 8.35 16.72
CA SER B 332 24.12 7.43 17.87
C SER B 332 24.38 8.17 19.20
N PHE B 333 25.19 9.22 19.13
CA PHE B 333 25.59 10.00 20.31
C PHE B 333 24.49 10.95 20.85
N VAL B 334 23.37 11.06 20.15
CA VAL B 334 22.26 11.95 20.53
C VAL B 334 21.20 11.19 21.34
N ASP B 335 20.61 11.88 22.31
CA ASP B 335 19.61 11.30 23.21
C ASP B 335 18.36 10.83 22.44
N LYS B 336 17.73 9.76 22.93
CA LYS B 336 16.53 9.20 22.29
C LYS B 336 15.35 10.18 22.25
N ASP B 337 15.19 10.96 23.32
CA ASP B 337 14.10 11.94 23.42
C ASP B 337 14.31 13.12 22.46
N GLU B 338 15.55 13.57 22.32
CA GLU B 338 15.89 14.65 21.39
C GLU B 338 15.62 14.27 19.94
N LYS B 339 16.01 13.07 19.55
CA LYS B 339 15.70 12.54 18.22
C LYS B 339 14.21 12.56 17.94
N ALA B 340 13.41 12.25 18.96
CA ALA B 340 11.96 12.32 18.84
C ALA B 340 11.48 13.77 18.67
N ARG B 341 12.01 14.68 19.49
CA ARG B 341 11.67 16.10 19.41
C ARG B 341 11.98 16.72 18.03
N LEU B 342 13.12 16.34 17.47
CA LEU B 342 13.54 16.82 16.15
C LEU B 342 12.92 16.04 14.98
N GLN B 343 12.12 15.02 15.28
CA GLN B 343 11.48 14.18 14.26
C GLN B 343 12.52 13.60 13.29
N HIS B 344 13.63 13.11 13.85
CA HIS B 344 14.69 12.47 13.08
C HIS B 344 14.19 11.17 12.46
N GLN B 345 14.33 11.06 11.16
CA GLN B 345 13.88 9.90 10.42
C GLN B 345 14.90 9.60 9.33
N VAL B 346 15.26 8.33 9.22
CA VAL B 346 16.08 7.86 8.10
C VAL B 346 15.13 7.46 6.98
N THR B 347 14.70 8.44 6.19
CA THR B 347 13.88 8.20 5.00
C THR B 347 14.24 9.21 3.91
N GLU B 348 14.37 8.74 2.68
CA GLU B 348 14.64 9.60 1.53
C GLU B 348 13.35 10.33 1.14
N ASP B 349 13.13 11.47 1.78
CA ASP B 349 11.95 12.34 1.55
C ASP B 349 12.31 13.76 1.12
N GLY B 350 13.60 14.03 0.91
CA GLY B 350 14.08 15.36 0.59
C GLY B 350 14.35 16.25 1.78
N GLU B 351 14.01 15.80 2.99
CA GLU B 351 14.17 16.61 4.20
C GLU B 351 15.33 16.09 5.03
N PHE B 352 16.09 17.01 5.59
CA PHE B 352 17.30 16.66 6.33
C PHE B 352 17.72 17.80 7.24
N TRP B 353 18.38 17.44 8.33
CA TRP B 353 19.05 18.43 9.16
C TRP B 353 20.46 18.65 8.66
N MET B 354 20.92 19.88 8.77
CA MET B 354 22.34 20.19 8.68
C MET B 354 22.69 21.15 9.80
N SER B 355 23.98 21.26 10.09
CA SER B 355 24.44 22.19 11.12
C SER B 355 24.28 23.61 10.60
N TYR B 356 24.04 24.54 11.51
CA TYR B 356 23.94 25.96 11.13
C TYR B 356 25.22 26.45 10.46
N GLU B 357 26.37 25.95 10.92
CA GLU B 357 27.64 26.37 10.34
C GLU B 357 27.79 25.90 8.90
N ASP B 358 27.48 24.63 8.64
CA ASP B 358 27.52 24.09 7.27
C ASP B 358 26.51 24.78 6.36
N PHE B 359 25.36 25.15 6.93
CA PHE B 359 24.31 25.87 6.21
C PHE B 359 24.81 27.20 5.62
N ILE B 360 25.35 28.06 6.49
CA ILE B 360 25.85 29.38 6.04
C ILE B 360 27.07 29.28 5.12
N TYR B 361 27.85 28.21 5.27
CA TYR B 361 28.97 27.92 4.37
C TYR B 361 28.54 27.58 2.93
N HIS B 362 27.46 26.81 2.78
CA HIS B 362 27.00 26.36 1.45
C HIS B 362 25.95 27.24 0.78
N PHE B 363 25.00 27.75 1.56
CA PHE B 363 23.88 28.51 0.98
C PHE B 363 24.23 29.97 0.84
N THR B 364 23.64 30.63 -0.15
CA THR B 364 23.97 32.02 -0.45
C THR B 364 22.81 33.00 -0.28
N LYS B 365 21.61 32.64 -0.75
CA LYS B 365 20.42 33.49 -0.60
C LYS B 365 19.52 32.93 0.51
N LEU B 366 18.95 33.84 1.31
CA LEU B 366 17.87 33.50 2.23
C LEU B 366 16.75 34.50 2.01
N GLU B 367 15.52 34.00 1.85
CA GLU B 367 14.34 34.81 1.58
C GLU B 367 13.32 34.57 2.68
N ILE B 368 12.87 35.62 3.34
CA ILE B 368 11.82 35.53 4.38
C ILE B 368 10.61 36.36 3.97
N CYS B 369 9.44 35.75 3.97
CA CYS B 369 8.19 36.48 3.75
C CYS B 369 7.49 36.66 5.10
N ASN B 370 7.50 37.89 5.59
CA ASN B 370 6.98 38.26 6.90
C ASN B 370 5.52 38.72 6.89
N LEU B 371 4.75 38.26 7.85
CA LEU B 371 3.32 38.55 7.94
C LEU B 371 3.04 39.94 8.48
N THR B 372 2.09 40.62 7.85
CA THR B 372 1.74 42.01 8.19
C THR B 372 1.02 42.11 9.54
N GLU C 13 -25.35 32.15 25.00
CA GLU C 13 -26.18 32.96 24.04
C GLU C 13 -25.39 33.91 23.11
N LYS C 14 -24.09 34.07 23.33
CA LYS C 14 -23.21 34.82 22.41
C LYS C 14 -22.33 33.87 21.58
N THR C 15 -22.11 34.24 20.31
CA THR C 15 -21.35 33.42 19.38
C THR C 15 -19.84 33.52 19.59
N PHE C 16 -19.12 32.53 19.08
CA PHE C 16 -17.67 32.50 19.13
C PHE C 16 -17.07 33.81 18.63
N GLU C 17 -17.53 34.29 17.48
CA GLU C 17 -17.01 35.53 16.88
C GLU C 17 -17.14 36.72 17.82
N GLN C 18 -18.32 36.86 18.42
CA GLN C 18 -18.57 37.94 19.38
C GLN C 18 -17.63 37.86 20.58
N LEU C 19 -17.54 36.68 21.19
CA LEU C 19 -16.66 36.46 22.34
C LEU C 19 -15.19 36.66 22.03
N HIS C 20 -14.76 36.14 20.88
CA HIS C 20 -13.37 36.27 20.40
C HIS C 20 -12.96 37.73 20.26
N LYS C 21 -13.81 38.50 19.59
CA LYS C 21 -13.56 39.91 19.33
C LYS C 21 -13.53 40.73 20.63
N LYS C 22 -14.46 40.44 21.53
CA LYS C 22 -14.55 41.06 22.84
C LYS C 22 -13.29 40.82 23.69
N CYS C 23 -12.80 39.59 23.71
CA CYS C 23 -11.57 39.26 24.41
C CYS C 23 -10.35 39.97 23.85
N LEU C 24 -10.28 40.09 22.52
CA LEU C 24 -9.20 40.82 21.87
C LEU C 24 -9.24 42.31 22.18
N GLU C 25 -10.45 42.89 22.16
CA GLU C 25 -10.66 44.29 22.56
C GLU C 25 -10.23 44.55 24.00
N LYS C 26 -10.69 43.70 24.92
CA LYS C 26 -10.34 43.83 26.34
C LYS C 26 -8.90 43.39 26.68
N LYS C 27 -8.20 42.74 25.74
CA LYS C 27 -6.83 42.21 25.94
C LYS C 27 -6.75 41.20 27.11
N VAL C 28 -7.70 40.26 27.12
CA VAL C 28 -7.78 39.24 28.16
C VAL C 28 -7.97 37.86 27.54
N LEU C 29 -7.42 36.83 28.20
CA LEU C 29 -7.66 35.46 27.79
C LEU C 29 -9.03 35.01 28.30
N TYR C 30 -9.81 34.37 27.43
CA TYR C 30 -11.16 33.92 27.75
C TYR C 30 -11.15 32.87 28.86
N VAL C 31 -12.08 32.98 29.80
CA VAL C 31 -12.37 31.94 30.80
C VAL C 31 -13.84 31.59 30.64
N ASP C 32 -14.13 30.32 30.40
CA ASP C 32 -15.48 29.86 30.07
C ASP C 32 -16.32 29.76 31.36
N PRO C 33 -17.38 30.60 31.49
CA PRO C 33 -18.24 30.48 32.67
C PRO C 33 -19.01 29.17 32.75
N GLU C 34 -19.48 28.67 31.60
CA GLU C 34 -20.28 27.43 31.53
C GLU C 34 -19.51 26.13 31.82
N PHE C 35 -18.20 26.11 31.55
CA PHE C 35 -17.35 24.89 31.70
C PHE C 35 -15.96 25.28 32.23
N PRO C 36 -15.90 25.78 33.49
CA PRO C 36 -14.70 26.43 34.03
C PRO C 36 -13.57 25.46 34.33
N PRO C 37 -12.34 25.97 34.47
CA PRO C 37 -11.19 25.11 34.71
C PRO C 37 -11.04 24.77 36.18
N ASP C 38 -11.92 23.89 36.65
CA ASP C 38 -11.93 23.43 38.06
C ASP C 38 -12.46 21.99 38.13
N GLU C 39 -12.68 21.48 39.32
CA GLU C 39 -13.15 20.12 39.52
C GLU C 39 -14.51 19.77 38.97
N THR C 40 -15.36 20.76 38.78
CA THR C 40 -16.70 20.47 38.26
C THR C 40 -16.67 19.96 36.82
N SER C 41 -15.73 20.49 36.04
CA SER C 41 -15.55 20.08 34.66
C SER C 41 -14.90 18.73 34.51
N LEU C 42 -14.12 18.29 35.51
CA LEU C 42 -13.50 16.97 35.49
C LEU C 42 -14.46 15.83 35.83
N PHE C 43 -15.15 15.93 36.95
CA PHE C 43 -16.04 14.86 37.40
C PHE C 43 -17.39 15.37 37.87
N TYR C 44 -18.38 14.51 37.85
CA TYR C 44 -19.67 14.80 38.44
C TYR C 44 -19.88 14.08 39.77
N SER C 45 -18.84 13.48 40.33
CA SER C 45 -18.97 12.84 41.64
C SER C 45 -17.70 12.85 42.45
N GLN C 46 -17.90 12.73 43.75
CA GLN C 46 -16.81 12.54 44.75
C GLN C 46 -15.78 13.60 45.10
N LYS C 47 -15.70 14.71 44.39
CA LYS C 47 -14.87 15.85 44.77
C LYS C 47 -13.39 15.59 45.20
N PHE C 48 -12.70 14.76 44.44
CA PHE C 48 -11.33 14.38 44.80
C PHE C 48 -10.36 15.53 44.99
N GLN C 51 -5.26 14.87 41.41
CA GLN C 51 -5.37 16.32 41.45
C GLN C 51 -4.56 16.86 40.31
N PHE C 52 -5.23 17.51 39.38
CA PHE C 52 -4.59 18.06 38.20
C PHE C 52 -4.58 19.55 38.20
N VAL C 53 -3.68 20.10 37.43
CA VAL C 53 -3.57 21.52 37.31
C VAL C 53 -3.97 21.90 35.92
N TRP C 54 -4.76 22.95 35.80
CA TRP C 54 -5.19 23.43 34.49
C TRP C 54 -4.19 24.46 33.97
N LYS C 55 -3.70 24.23 32.76
CA LYS C 55 -2.81 25.18 32.09
C LYS C 55 -3.26 25.33 30.66
N ARG C 56 -2.94 26.49 30.08
CA ARG C 56 -3.16 26.75 28.67
C ARG C 56 -1.92 26.32 27.87
N PRO C 57 -2.09 25.94 26.58
CA PRO C 57 -0.94 25.44 25.82
C PRO C 57 0.30 26.35 25.76
N PRO C 58 0.12 27.69 25.68
CA PRO C 58 1.28 28.59 25.86
C PRO C 58 2.04 28.47 27.18
N GLU C 59 1.35 28.14 28.27
CA GLU C 59 1.98 27.86 29.56
C GLU C 59 2.69 26.47 29.58
N ILE C 60 2.31 25.55 28.69
CA ILE C 60 2.85 24.17 28.66
C ILE C 60 4.12 24.07 27.82
N CYS C 61 4.16 24.76 26.69
CA CYS C 61 5.32 24.76 25.82
C CYS C 61 5.50 26.10 25.13
N GLU C 62 6.72 26.40 24.69
CA GLU C 62 7.07 27.72 24.12
C GLU C 62 6.30 28.08 22.86
N ASN C 63 6.14 27.10 21.97
CA ASN C 63 5.54 27.34 20.65
C ASN C 63 4.38 26.40 20.37
N PRO C 64 3.25 26.61 21.05
CA PRO C 64 2.11 25.73 20.80
C PRO C 64 1.52 26.00 19.44
N ARG C 65 0.93 24.97 18.84
CA ARG C 65 0.24 25.07 17.56
C ARG C 65 -1.08 24.31 17.63
N PHE C 66 -2.11 24.82 16.96
CA PHE C 66 -3.39 24.11 16.86
C PHE C 66 -3.19 22.85 16.02
N ILE C 67 -2.79 22.99 14.78
CA ILE C 67 -2.60 21.87 13.87
C ILE C 67 -1.20 21.93 13.30
N ILE C 68 -0.45 20.84 13.42
CA ILE C 68 0.89 20.65 12.87
C ILE C 68 0.82 19.47 11.92
N ASP C 69 1.24 19.67 10.66
CA ASP C 69 1.28 18.64 9.60
C ASP C 69 -0.08 17.99 9.38
N GLY C 70 -1.13 18.80 9.40
CA GLY C 70 -2.49 18.31 9.27
C GLY C 70 -3.06 17.61 10.47
N ALA C 71 -4.37 17.38 10.43
CA ALA C 71 -5.05 16.64 11.47
C ALA C 71 -5.11 15.17 11.04
N ASN C 72 -4.23 14.36 11.64
CA ASN C 72 -4.06 12.96 11.32
C ASN C 72 -4.42 12.10 12.50
N ARG C 73 -4.68 10.85 12.21
CA ARG C 73 -4.91 9.88 13.24
C ARG C 73 -3.75 9.72 14.22
N THR C 74 -2.51 9.95 13.80
CA THR C 74 -1.36 9.92 14.73
C THR C 74 -1.40 11.00 15.84
N ASP C 75 -2.25 12.02 15.65
CA ASP C 75 -2.52 13.08 16.64
C ASP C 75 -3.48 12.70 17.74
N ILE C 76 -4.08 11.52 17.65
CA ILE C 76 -5.07 11.07 18.62
C ILE C 76 -4.47 9.96 19.46
N CYS C 77 -3.93 10.31 20.61
CA CYS C 77 -3.35 9.32 21.52
C CYS C 77 -3.99 9.40 22.89
N GLN C 78 -4.51 8.27 23.34
CA GLN C 78 -5.31 8.20 24.55
C GLN C 78 -4.47 8.44 25.80
N GLY C 79 -5.05 9.11 26.79
CA GLY C 79 -4.38 9.34 28.07
C GLY C 79 -5.08 8.59 29.19
N GLU C 80 -5.15 9.21 30.36
CA GLU C 80 -5.71 8.56 31.55
C GLU C 80 -7.22 8.71 31.64
N LEU C 81 -7.92 8.41 30.56
CA LEU C 81 -9.39 8.54 30.53
C LEU C 81 -9.91 7.56 29.51
N GLY C 82 -10.87 6.77 29.92
CA GLY C 82 -11.35 5.66 29.09
C GLY C 82 -12.35 6.14 28.08
N ASP C 83 -11.89 6.87 27.08
CA ASP C 83 -12.76 7.36 26.02
C ASP C 83 -12.33 6.87 24.64
N CYS C 84 -11.73 5.67 24.61
CA CYS C 84 -11.38 5.00 23.34
C CYS C 84 -12.51 4.98 22.30
N TRP C 85 -13.74 4.85 22.77
CA TRP C 85 -14.93 4.87 21.89
C TRP C 85 -15.00 6.13 21.03
N PHE C 86 -14.66 7.26 21.66
CA PHE C 86 -14.69 8.57 21.03
C PHE C 86 -13.41 8.79 20.22
N LEU C 87 -12.28 8.36 20.76
CA LEU C 87 -10.99 8.55 20.10
C LEU C 87 -10.87 7.74 18.82
N ALA C 88 -11.42 6.54 18.84
CA ALA C 88 -11.48 5.71 17.64
C ALA C 88 -12.28 6.41 16.58
N ALA C 89 -13.39 7.03 16.97
CA ALA C 89 -14.22 7.77 16.03
C ALA C 89 -13.53 8.99 15.38
N ILE C 90 -12.76 9.77 16.16
CA ILE C 90 -12.06 10.92 15.58
C ILE C 90 -11.00 10.43 14.61
N ALA C 91 -10.25 9.42 15.03
CA ALA C 91 -9.25 8.81 14.19
C ALA C 91 -9.84 8.38 12.85
N CYS C 92 -11.00 7.73 12.88
CA CYS C 92 -11.74 7.37 11.68
C CYS C 92 -12.06 8.58 10.83
N LEU C 93 -12.56 9.62 11.48
CA LEU C 93 -12.90 10.88 10.82
C LEU C 93 -11.74 11.51 10.04
N THR C 94 -10.51 11.42 10.56
CA THR C 94 -9.36 12.02 9.87
C THR C 94 -9.05 11.35 8.54
N LEU C 95 -9.57 10.13 8.32
CA LEU C 95 -9.49 9.48 7.01
C LEU C 95 -10.36 10.12 5.95
N ASN C 96 -11.26 10.99 6.36
CA ASN C 96 -12.13 11.68 5.44
C ASN C 96 -12.04 13.17 5.80
N GLN C 97 -10.98 13.81 5.29
CA GLN C 97 -10.60 15.20 5.64
C GLN C 97 -11.73 16.19 5.33
N HIS C 98 -12.36 16.00 4.19
CA HIS C 98 -13.57 16.71 3.82
C HIS C 98 -14.56 16.86 5.01
N LEU C 99 -14.87 15.76 5.68
CA LEU C 99 -15.81 15.79 6.81
C LEU C 99 -15.17 16.32 8.09
N LEU C 100 -13.90 16.05 8.27
CA LEU C 100 -13.18 16.54 9.44
C LEU C 100 -13.27 18.05 9.62
N PHE C 101 -13.17 18.80 8.54
CA PHE C 101 -13.17 20.26 8.59
C PHE C 101 -14.51 20.91 8.94
N ARG C 102 -15.59 20.13 8.89
CA ARG C 102 -16.88 20.59 9.41
C ARG C 102 -16.96 20.56 10.91
N VAL C 103 -16.14 19.69 11.52
CA VAL C 103 -16.09 19.53 12.97
C VAL C 103 -15.05 20.44 13.58
N ILE C 104 -13.93 20.59 12.87
CA ILE C 104 -12.81 21.40 13.31
C ILE C 104 -12.70 22.62 12.41
N PRO C 105 -13.04 23.81 12.94
CA PRO C 105 -12.73 25.04 12.23
C PRO C 105 -11.22 25.26 12.18
N HIS C 106 -10.71 25.36 10.97
CA HIS C 106 -9.27 25.29 10.71
C HIS C 106 -8.61 26.69 10.77
N ASP C 107 -9.46 27.74 10.76
CA ASP C 107 -9.06 29.12 10.97
C ASP C 107 -8.89 29.44 12.47
N GLN C 108 -7.97 28.73 13.11
CA GLN C 108 -7.78 28.87 14.57
C GLN C 108 -6.31 28.70 14.87
N SER C 109 -5.81 29.49 15.82
CA SER C 109 -4.38 29.62 16.00
C SER C 109 -3.94 30.17 17.36
N PHE C 110 -2.75 29.76 17.76
CA PHE C 110 -2.03 30.33 18.90
C PHE C 110 -1.14 31.52 18.50
N ILE C 111 -0.79 31.63 17.23
CA ILE C 111 0.16 32.66 16.77
C ILE C 111 -0.48 33.86 16.08
N GLU C 112 -1.80 33.85 15.92
CA GLU C 112 -2.53 34.96 15.28
C GLU C 112 -3.91 35.07 15.91
N ASN C 113 -4.22 36.26 16.43
CA ASN C 113 -5.49 36.54 17.12
C ASN C 113 -5.83 35.61 18.27
N TYR C 114 -4.78 35.21 19.01
CA TYR C 114 -4.97 34.31 20.15
C TYR C 114 -5.63 35.09 21.28
N ALA C 115 -6.78 34.61 21.74
CA ALA C 115 -7.49 35.20 22.90
C ALA C 115 -7.90 34.13 23.92
N GLY C 116 -7.22 33.00 23.91
CA GLY C 116 -7.52 31.86 24.77
C GLY C 116 -8.87 31.19 24.55
N ILE C 117 -9.39 31.28 23.33
CA ILE C 117 -10.73 30.79 23.03
C ILE C 117 -10.75 30.00 21.71
N PHE C 118 -11.45 28.88 21.70
CA PHE C 118 -11.53 28.00 20.53
C PHE C 118 -12.93 27.46 20.42
N HIS C 119 -13.24 26.88 19.27
CA HIS C 119 -14.55 26.27 19.08
C HIS C 119 -14.53 25.08 18.14
N PHE C 120 -15.55 24.24 18.27
CA PHE C 120 -15.73 23.06 17.43
C PHE C 120 -17.20 22.88 17.14
N GLN C 121 -17.50 22.09 16.13
CA GLN C 121 -18.89 21.83 15.74
C GLN C 121 -19.25 20.36 15.77
N PHE C 122 -20.38 20.05 16.40
CA PHE C 122 -20.92 18.70 16.43
C PHE C 122 -22.35 18.70 15.88
N TRP C 123 -22.77 17.55 15.36
CA TRP C 123 -24.09 17.34 14.83
C TRP C 123 -24.99 16.82 15.93
N ARG C 124 -25.98 17.62 16.33
CA ARG C 124 -26.85 17.31 17.47
C ARG C 124 -28.30 17.69 17.19
N TYR C 125 -29.18 16.70 17.23
CA TYR C 125 -30.63 16.89 17.03
C TYR C 125 -30.91 17.54 15.68
N GLY C 126 -30.24 17.02 14.66
CA GLY C 126 -30.48 17.41 13.27
C GLY C 126 -29.88 18.72 12.80
N GLU C 127 -28.94 19.28 13.55
CA GLU C 127 -28.23 20.49 13.12
C GLU C 127 -26.81 20.55 13.67
N TRP C 128 -25.99 21.38 13.06
CA TRP C 128 -24.67 21.67 13.57
C TRP C 128 -24.78 22.58 14.76
N VAL C 129 -24.01 22.27 15.79
CA VAL C 129 -24.03 22.98 17.03
C VAL C 129 -22.61 23.42 17.27
N ASP C 130 -22.42 24.69 17.62
CA ASP C 130 -21.12 25.25 17.92
C ASP C 130 -20.88 25.14 19.42
N VAL C 131 -19.67 24.70 19.80
CA VAL C 131 -19.28 24.53 21.20
C VAL C 131 -18.01 25.33 21.43
N VAL C 132 -18.13 26.36 22.26
CA VAL C 132 -17.01 27.27 22.59
C VAL C 132 -16.37 26.86 23.90
N ILE C 133 -15.05 26.94 23.96
CA ILE C 133 -14.27 26.57 25.14
C ILE C 133 -13.12 27.53 25.37
N ASP C 134 -12.71 27.67 26.62
CA ASP C 134 -11.40 28.28 26.88
C ASP C 134 -10.38 27.18 26.56
N ASP C 135 -9.11 27.52 26.45
CA ASP C 135 -8.08 26.52 26.15
C ASP C 135 -7.32 25.99 27.37
N CYS C 136 -7.85 26.20 28.58
CA CYS C 136 -7.27 25.57 29.78
C CYS C 136 -7.50 24.07 29.69
N LEU C 137 -6.42 23.31 29.86
CA LEU C 137 -6.47 21.85 29.79
C LEU C 137 -5.88 21.25 31.04
N PRO C 138 -6.38 20.08 31.47
CA PRO C 138 -5.79 19.39 32.61
C PRO C 138 -4.38 18.89 32.34
N THR C 139 -3.49 19.05 33.30
CA THR C 139 -2.11 18.61 33.17
C THR C 139 -1.57 18.08 34.48
N TYR C 140 -0.50 17.31 34.39
CA TYR C 140 0.26 16.86 35.53
C TYR C 140 1.73 16.85 35.17
N ASN C 141 2.52 17.53 36.00
CA ASN C 141 3.91 17.89 35.72
C ASN C 141 4.06 18.51 34.38
N ASN C 142 3.19 19.47 34.13
CA ASN C 142 3.22 20.25 32.90
C ASN C 142 3.09 19.43 31.61
N GLN C 143 2.34 18.34 31.66
CA GLN C 143 2.04 17.53 30.49
C GLN C 143 0.58 17.16 30.52
N LEU C 144 -0.01 16.97 29.36
CA LEU C 144 -1.44 16.66 29.28
C LEU C 144 -1.69 15.26 29.80
N VAL C 145 -2.70 15.11 30.63
CA VAL C 145 -2.99 13.80 31.26
C VAL C 145 -3.96 12.98 30.44
N PHE C 146 -4.89 13.66 29.80
CA PHE C 146 -5.86 13.05 28.88
C PHE C 146 -5.27 13.00 27.47
N THR C 147 -6.12 12.98 26.45
CA THR C 147 -5.66 12.84 25.08
C THR C 147 -4.69 13.94 24.64
N LYS C 148 -3.64 13.50 23.95
CA LYS C 148 -2.61 14.35 23.38
C LYS C 148 -2.31 13.87 21.95
N SER C 149 -1.52 14.65 21.21
CA SER C 149 -0.96 14.23 19.94
C SER C 149 0.41 13.66 20.21
N ASN C 150 0.90 12.84 19.29
CA ASN C 150 2.27 12.36 19.42
C ASN C 150 3.31 13.47 19.16
N HIS C 151 2.86 14.59 18.60
CA HIS C 151 3.65 15.81 18.54
C HIS C 151 3.33 16.66 19.79
N ARG C 152 4.35 16.95 20.60
CA ARG C 152 4.14 17.56 21.92
C ARG C 152 3.57 18.98 21.87
N ASN C 153 3.81 19.67 20.77
CA ASN C 153 3.32 21.04 20.52
C ASN C 153 1.96 21.17 19.84
N GLU C 154 1.35 20.06 19.44
CA GLU C 154 0.08 20.07 18.70
C GLU C 154 -1.07 19.89 19.69
N PHE C 155 -2.10 20.70 19.57
CA PHE C 155 -3.18 20.74 20.57
C PHE C 155 -4.62 20.60 20.10
N TRP C 156 -4.87 20.43 18.81
CA TRP C 156 -6.28 20.34 18.34
C TRP C 156 -7.05 19.16 18.94
N SER C 157 -6.40 18.02 19.12
CA SER C 157 -7.09 16.82 19.61
C SER C 157 -7.40 16.91 21.11
N ALA C 158 -6.50 17.52 21.87
CA ALA C 158 -6.76 17.82 23.29
C ALA C 158 -7.94 18.76 23.47
N LEU C 159 -7.98 19.80 22.66
CA LEU C 159 -9.06 20.78 22.70
C LEU C 159 -10.39 20.22 22.19
N LEU C 160 -10.36 19.35 21.19
CA LEU C 160 -11.57 18.70 20.68
C LEU C 160 -12.22 17.84 21.77
N GLU C 161 -11.39 17.06 22.45
CA GLU C 161 -11.81 16.26 23.61
C GLU C 161 -12.44 17.13 24.70
N LYS C 162 -11.84 18.28 24.99
CA LYS C 162 -12.41 19.19 25.98
C LYS C 162 -13.80 19.65 25.56
N ALA C 163 -13.94 20.06 24.30
CA ALA C 163 -15.21 20.52 23.75
C ALA C 163 -16.29 19.44 23.78
N TYR C 164 -15.90 18.19 23.50
CA TYR C 164 -16.83 17.07 23.56
C TYR C 164 -17.19 16.71 25.00
N ALA C 165 -16.22 16.83 25.89
CA ALA C 165 -16.46 16.68 27.32
C ALA C 165 -17.44 17.74 27.82
N LYS C 166 -17.28 18.98 27.34
CA LYS C 166 -18.21 20.06 27.70
C LYS C 166 -19.64 19.74 27.26
N LEU C 167 -19.79 19.24 26.04
CA LEU C 167 -21.07 18.82 25.51
C LEU C 167 -21.75 17.73 26.35
N HIS C 168 -20.98 16.89 27.03
CA HIS C 168 -21.49 15.88 27.96
C HIS C 168 -21.48 16.30 29.46
N GLY C 169 -21.02 17.51 29.76
CA GLY C 169 -21.02 18.04 31.14
C GLY C 169 -19.73 17.87 31.92
N SER C 170 -18.89 16.91 31.54
CA SER C 170 -17.61 16.67 32.23
C SER C 170 -16.71 15.71 31.48
N TYR C 171 -15.43 15.69 31.86
CA TYR C 171 -14.51 14.68 31.33
C TYR C 171 -14.98 13.27 31.75
N GLU C 172 -15.49 13.14 32.98
CA GLU C 172 -15.94 11.84 33.49
C GLU C 172 -17.10 11.28 32.69
N ALA C 173 -17.91 12.16 32.12
CA ALA C 173 -19.04 11.74 31.29
C ALA C 173 -18.63 11.07 29.98
N LEU C 174 -17.35 11.13 29.61
CA LEU C 174 -16.83 10.43 28.43
C LEU C 174 -16.31 9.02 28.75
N LYS C 175 -16.44 8.55 29.99
CA LYS C 175 -15.86 7.26 30.39
C LYS C 175 -16.52 6.07 29.68
N GLY C 176 -17.84 6.05 29.63
CA GLY C 176 -18.52 4.99 28.89
C GLY C 176 -18.92 5.54 27.55
N GLY C 177 -19.14 4.67 26.58
CA GLY C 177 -19.78 5.08 25.35
C GLY C 177 -19.62 4.13 24.20
N ASN C 178 -20.36 4.42 23.13
CA ASN C 178 -20.34 3.61 21.93
C ASN C 178 -19.71 4.41 20.80
N THR C 179 -18.79 3.79 20.05
CA THR C 179 -18.15 4.47 18.93
C THR C 179 -19.15 5.12 17.99
N THR C 180 -20.26 4.45 17.73
CA THR C 180 -21.30 4.98 16.83
C THR C 180 -21.96 6.27 17.32
N GLU C 181 -22.07 6.46 18.63
CA GLU C 181 -22.61 7.72 19.18
C GLU C 181 -21.75 8.91 18.71
N ALA C 182 -20.44 8.75 18.79
CA ALA C 182 -19.47 9.73 18.35
C ALA C 182 -19.40 9.92 16.84
N MET C 183 -19.44 8.82 16.09
CA MET C 183 -19.46 8.89 14.63
C MET C 183 -20.62 9.72 14.12
N GLU C 184 -21.80 9.58 14.74
CA GLU C 184 -22.98 10.34 14.35
C GLU C 184 -22.85 11.79 14.75
N ASP C 185 -22.23 12.05 15.91
CA ASP C 185 -21.94 13.42 16.33
C ASP C 185 -20.97 14.18 15.40
N PHE C 186 -20.11 13.44 14.71
CA PHE C 186 -19.19 14.06 13.75
C PHE C 186 -19.67 14.14 12.32
N THR C 187 -20.63 13.29 11.94
CA THR C 187 -21.04 13.17 10.54
C THR C 187 -22.52 13.37 10.23
N GLY C 188 -23.39 13.21 11.22
CA GLY C 188 -24.83 13.04 10.97
C GLY C 188 -25.21 11.80 10.19
N GLY C 189 -24.34 10.81 10.16
CA GLY C 189 -24.60 9.58 9.44
C GLY C 189 -25.53 8.69 10.22
N VAL C 190 -25.86 7.56 9.62
CA VAL C 190 -26.69 6.55 10.24
C VAL C 190 -25.79 5.37 10.53
N ALA C 191 -25.77 4.94 11.78
CA ALA C 191 -24.94 3.82 12.22
C ALA C 191 -25.64 2.48 11.93
N GLU C 192 -24.84 1.45 11.65
CA GLU C 192 -25.32 0.08 11.51
C GLU C 192 -24.26 -0.89 12.07
N PHE C 193 -24.70 -1.97 12.68
CA PHE C 193 -23.82 -2.84 13.50
C PHE C 193 -23.82 -4.24 12.90
N PHE C 194 -22.68 -4.92 13.03
CA PHE C 194 -22.53 -6.28 12.57
C PHE C 194 -21.92 -7.09 13.70
N GLU C 195 -22.54 -8.22 14.02
CA GLU C 195 -21.87 -9.27 14.77
C GLU C 195 -21.08 -10.05 13.72
N ILE C 196 -19.77 -10.11 13.92
CA ILE C 196 -18.87 -10.72 12.95
C ILE C 196 -19.11 -12.23 12.80
N ARG C 197 -19.71 -12.86 13.79
CA ARG C 197 -20.13 -14.27 13.68
C ARG C 197 -21.31 -14.48 12.71
N ASP C 198 -22.20 -13.49 12.60
CA ASP C 198 -23.22 -13.45 11.52
C ASP C 198 -22.75 -12.64 10.29
N ALA C 199 -21.45 -12.52 10.08
CA ALA C 199 -20.93 -11.72 8.99
C ALA C 199 -21.32 -12.39 7.69
N PRO C 200 -21.87 -11.63 6.72
CA PRO C 200 -22.11 -12.19 5.39
C PRO C 200 -20.82 -12.66 4.75
N SER C 201 -20.95 -13.42 3.67
CA SER C 201 -19.79 -13.95 2.95
C SER C 201 -18.93 -12.86 2.29
N ASP C 202 -19.54 -11.72 1.99
CA ASP C 202 -18.90 -10.66 1.22
C ASP C 202 -18.56 -9.43 2.06
N MET C 203 -18.29 -9.62 3.35
CA MET C 203 -18.12 -8.48 4.25
C MET C 203 -16.86 -7.66 3.96
N TYR C 204 -15.79 -8.29 3.51
CA TYR C 204 -14.62 -7.55 3.01
C TYR C 204 -15.08 -6.53 1.99
N LYS C 205 -15.85 -6.98 1.01
CA LYS C 205 -16.40 -6.10 -0.04
C LYS C 205 -17.25 -4.96 0.53
N ILE C 206 -18.07 -5.26 1.53
CA ILE C 206 -18.88 -4.27 2.24
C ILE C 206 -18.00 -3.25 2.97
N MET C 207 -16.95 -3.75 3.61
CA MET C 207 -16.02 -2.92 4.36
C MET C 207 -15.24 -2.04 3.42
N LYS C 208 -14.77 -2.60 2.31
CA LYS C 208 -14.04 -1.86 1.29
C LYS C 208 -14.89 -0.76 0.63
N LYS C 209 -16.11 -1.05 0.23
CA LYS C 209 -17.01 -0.02 -0.30
C LYS C 209 -17.30 1.09 0.71
N ALA C 210 -17.38 0.74 1.98
CA ALA C 210 -17.66 1.69 3.05
C ALA C 210 -16.51 2.67 3.25
N ILE C 211 -15.30 2.15 3.32
CA ILE C 211 -14.09 2.96 3.51
C ILE C 211 -13.88 3.91 2.30
N GLU C 212 -14.04 3.40 1.08
CA GLU C 212 -13.95 4.19 -0.16
C GLU C 212 -15.02 5.27 -0.33
N ARG C 213 -16.15 5.11 0.34
CA ARG C 213 -17.24 6.11 0.33
C ARG C 213 -17.03 7.16 1.43
N GLY C 214 -16.02 6.94 2.27
CA GLY C 214 -15.73 7.79 3.41
C GLY C 214 -16.60 7.52 4.61
N SER C 215 -17.18 6.32 4.72
CA SER C 215 -17.92 5.93 5.90
C SER C 215 -16.92 5.57 6.97
N LEU C 216 -17.28 5.84 8.22
CA LEU C 216 -16.38 5.60 9.36
C LEU C 216 -16.63 4.21 9.88
N MET C 217 -15.56 3.49 10.25
CA MET C 217 -15.66 2.10 10.69
C MET C 217 -14.83 1.82 11.92
N GLY C 218 -15.50 1.38 12.97
CA GLY C 218 -14.83 0.88 14.18
C GLY C 218 -15.05 -0.61 14.36
N CYS C 219 -14.25 -1.23 15.21
CA CYS C 219 -14.48 -2.60 15.62
C CYS C 219 -13.97 -2.88 17.03
N SER C 220 -14.43 -3.99 17.61
CA SER C 220 -13.98 -4.40 18.95
C SER C 220 -14.11 -5.90 19.17
N ILE C 221 -13.42 -6.36 20.20
CA ILE C 221 -13.42 -7.75 20.64
C ILE C 221 -14.18 -7.80 21.95
N ASP C 222 -15.19 -8.66 22.02
CA ASP C 222 -16.04 -8.73 23.22
C ASP C 222 -15.30 -9.32 24.43
N ASP C 223 -15.76 -8.94 25.62
CA ASP C 223 -15.28 -9.53 26.91
C ASP C 223 -16.37 -9.92 27.92
N GLY C 224 -16.01 -10.77 28.89
CA GLY C 224 -16.95 -11.24 29.91
C GLY C 224 -16.28 -11.97 31.07
N TYR C 277 -2.13 -1.31 31.32
CA TYR C 277 -2.22 -0.45 30.14
C TYR C 277 -1.47 -0.95 28.87
N GLU C 278 -0.64 -1.98 28.98
CA GLU C 278 -0.10 -2.69 27.80
C GLU C 278 -1.01 -3.87 27.42
N THR C 279 -0.54 -4.73 26.51
CA THR C 279 -1.36 -5.72 25.80
C THR C 279 -2.19 -6.62 26.73
N ARG C 280 -3.50 -6.62 26.51
CA ARG C 280 -4.36 -7.59 27.17
C ARG C 280 -4.18 -9.01 26.65
N MET C 281 -4.07 -9.21 25.33
CA MET C 281 -3.94 -10.53 24.76
C MET C 281 -2.53 -10.78 24.24
N ALA C 282 -2.10 -12.03 24.31
CA ALA C 282 -0.78 -12.45 23.84
C ALA C 282 -0.52 -12.07 22.38
N CYS C 283 -1.57 -12.18 21.55
CA CYS C 283 -1.48 -11.83 20.13
C CYS C 283 -1.30 -10.34 19.80
N GLY C 284 -1.42 -9.46 20.81
CA GLY C 284 -1.21 -8.01 20.64
C GLY C 284 -2.48 -7.19 20.62
N LEU C 285 -3.63 -7.85 20.57
CA LEU C 285 -4.93 -7.17 20.56
C LEU C 285 -5.42 -6.93 21.98
N VAL C 286 -6.39 -6.04 22.10
CA VAL C 286 -6.92 -5.62 23.39
C VAL C 286 -8.44 -5.85 23.35
N ARG C 287 -8.96 -6.59 24.34
CA ARG C 287 -10.39 -6.83 24.47
C ARG C 287 -11.07 -5.62 25.04
N GLY C 288 -12.36 -5.47 24.75
CA GLY C 288 -13.16 -4.39 25.35
C GLY C 288 -12.71 -3.00 24.95
N HIS C 289 -12.09 -2.91 23.77
CA HIS C 289 -11.38 -1.73 23.31
C HIS C 289 -11.78 -1.43 21.90
N ALA C 290 -12.02 -0.14 21.64
CA ALA C 290 -12.43 0.33 20.30
C ALA C 290 -11.20 0.47 19.43
N TYR C 291 -11.23 -0.14 18.26
CA TYR C 291 -10.20 0.05 17.23
C TYR C 291 -10.80 0.82 16.06
N SER C 292 -10.00 1.63 15.38
CA SER C 292 -10.41 2.27 14.13
C SER C 292 -9.97 1.41 12.95
N VAL C 293 -10.88 1.17 12.01
CA VAL C 293 -10.52 0.52 10.76
C VAL C 293 -10.05 1.60 9.80
N THR C 294 -8.79 1.50 9.39
CA THR C 294 -8.13 2.56 8.64
C THR C 294 -7.70 2.16 7.24
N GLY C 295 -8.03 0.96 6.81
CA GLY C 295 -7.70 0.54 5.46
C GLY C 295 -8.05 -0.90 5.16
N LEU C 296 -8.27 -1.18 3.87
CA LEU C 296 -8.51 -2.54 3.36
C LEU C 296 -7.85 -2.69 2.03
N ASP C 297 -7.10 -3.77 1.83
CA ASP C 297 -6.37 -3.97 0.60
C ASP C 297 -6.12 -5.44 0.35
N GLU C 298 -5.78 -5.72 -0.89
CA GLU C 298 -5.26 -7.02 -1.30
C GLU C 298 -3.81 -6.78 -1.63
N VAL C 299 -2.96 -7.75 -1.34
CA VAL C 299 -1.56 -7.66 -1.65
C VAL C 299 -1.11 -8.98 -2.29
N PRO C 300 -0.25 -8.92 -3.32
CA PRO C 300 0.35 -10.15 -3.83
C PRO C 300 1.32 -10.76 -2.83
N PHE C 301 1.20 -12.07 -2.62
CA PHE C 301 2.05 -12.78 -1.68
C PHE C 301 2.16 -14.24 -2.12
N LYS C 302 3.31 -14.57 -2.72
CA LYS C 302 3.63 -15.92 -3.18
C LYS C 302 2.59 -16.43 -4.20
N GLY C 303 2.28 -15.58 -5.19
CA GLY C 303 1.33 -15.92 -6.25
C GLY C 303 -0.08 -15.44 -5.97
N GLU C 304 -0.66 -15.90 -4.88
CA GLU C 304 -2.05 -15.59 -4.53
C GLU C 304 -2.15 -14.21 -3.87
N LYS C 305 -3.30 -13.57 -4.01
CA LYS C 305 -3.57 -12.24 -3.43
C LYS C 305 -4.22 -12.42 -2.06
N VAL C 306 -3.69 -11.73 -1.05
CA VAL C 306 -4.14 -11.87 0.35
C VAL C 306 -4.86 -10.60 0.82
N LYS C 307 -6.10 -10.75 1.27
CA LYS C 307 -6.89 -9.66 1.78
C LYS C 307 -6.39 -9.23 3.17
N LEU C 308 -6.18 -7.92 3.32
CA LEU C 308 -5.70 -7.34 4.55
C LEU C 308 -6.66 -6.28 5.09
N VAL C 309 -6.68 -6.15 6.42
CA VAL C 309 -7.39 -5.11 7.10
C VAL C 309 -6.38 -4.33 7.92
N ARG C 310 -6.49 -3.01 7.93
CA ARG C 310 -5.60 -2.20 8.76
C ARG C 310 -6.38 -1.55 9.85
N LEU C 311 -5.88 -1.70 11.08
CA LEU C 311 -6.53 -1.16 12.26
C LEU C 311 -5.59 -0.20 12.95
N ARG C 312 -6.15 0.66 13.81
CA ARG C 312 -5.35 1.51 14.70
C ARG C 312 -5.89 1.49 16.13
N ASN C 313 -5.03 1.09 17.06
CA ASN C 313 -5.30 1.20 18.48
C ASN C 313 -5.20 2.69 18.90
N PRO C 314 -6.29 3.26 19.45
CA PRO C 314 -6.26 4.68 19.84
C PRO C 314 -5.28 5.06 20.96
N TRP C 315 -4.69 4.07 21.63
CA TRP C 315 -3.54 4.30 22.50
C TRP C 315 -2.31 4.91 21.81
N GLY C 316 -2.18 4.70 20.50
CA GLY C 316 -0.99 5.08 19.77
C GLY C 316 0.14 4.08 19.95
N GLN C 317 -0.16 2.94 20.55
CA GLN C 317 0.83 1.88 20.75
C GLN C 317 0.12 0.57 21.07
N VAL C 318 0.90 -0.50 21.15
CA VAL C 318 0.39 -1.85 21.42
C VAL C 318 -0.36 -2.40 20.20
N GLU C 319 0.39 -3.11 19.38
CA GLU C 319 -0.09 -3.62 18.10
C GLU C 319 -0.14 -5.16 18.05
N TRP C 320 -1.03 -5.67 17.20
CA TRP C 320 -1.00 -7.06 16.77
C TRP C 320 0.39 -7.48 16.37
N ASN C 321 0.77 -8.69 16.76
CA ASN C 321 2.12 -9.24 16.53
C ASN C 321 2.16 -10.45 15.61
N GLY C 322 1.01 -10.89 15.13
CA GLY C 322 0.93 -12.01 14.20
C GLY C 322 1.24 -11.65 12.77
N SER C 323 0.74 -12.47 11.87
CA SER C 323 1.01 -12.35 10.44
C SER C 323 0.59 -10.99 9.87
N TRP C 324 1.52 -10.32 9.20
CA TRP C 324 1.36 -8.99 8.59
C TRP C 324 1.62 -7.83 9.55
N SER C 325 1.93 -8.14 10.81
CA SER C 325 2.35 -7.12 11.77
C SER C 325 3.64 -6.47 11.32
N ASP C 326 3.98 -5.36 11.96
CA ASP C 326 5.14 -4.54 11.55
C ASP C 326 6.41 -5.37 11.36
N ARG C 327 6.75 -6.14 12.40
CA ARG C 327 8.03 -6.88 12.46
C ARG C 327 7.99 -8.31 11.94
N TRP C 328 6.92 -8.67 11.24
CA TRP C 328 6.77 -9.98 10.60
C TRP C 328 7.82 -10.14 9.52
N LYS C 329 8.60 -11.21 9.60
CA LYS C 329 9.72 -11.44 8.69
C LYS C 329 9.29 -11.54 7.22
N ASP C 330 8.14 -12.18 6.98
CA ASP C 330 7.69 -12.43 5.60
C ASP C 330 7.20 -11.20 4.82
N TRP C 331 7.30 -10.01 5.43
CA TRP C 331 7.27 -8.75 4.67
C TRP C 331 8.40 -8.72 3.62
N SER C 332 9.52 -9.39 3.92
CA SER C 332 10.62 -9.55 2.96
C SER C 332 10.14 -10.05 1.58
N PHE C 333 9.17 -10.96 1.59
CA PHE C 333 8.62 -11.56 0.37
C PHE C 333 7.69 -10.65 -0.46
N VAL C 334 7.37 -9.46 0.06
CA VAL C 334 6.46 -8.51 -0.59
C VAL C 334 7.26 -7.48 -1.40
N ASP C 335 6.69 -7.10 -2.54
CA ASP C 335 7.31 -6.16 -3.47
C ASP C 335 7.54 -4.78 -2.82
N LYS C 336 8.61 -4.10 -3.23
CA LYS C 336 8.98 -2.79 -2.67
C LYS C 336 7.90 -1.72 -2.93
N ASP C 337 7.30 -1.76 -4.12
CA ASP C 337 6.25 -0.80 -4.51
C ASP C 337 4.97 -1.02 -3.71
N GLU C 338 4.60 -2.29 -3.48
CA GLU C 338 3.41 -2.63 -2.69
C GLU C 338 3.53 -2.14 -1.25
N LYS C 339 4.68 -2.37 -0.62
CA LYS C 339 4.95 -1.85 0.72
C LYS C 339 4.76 -0.34 0.78
N ALA C 340 5.16 0.37 -0.28
CA ALA C 340 4.96 1.81 -0.36
C ALA C 340 3.46 2.15 -0.49
N ARG C 341 2.76 1.44 -1.35
CA ARG C 341 1.32 1.63 -1.54
C ARG C 341 0.52 1.43 -0.25
N LEU C 342 0.88 0.41 0.52
CA LEU C 342 0.23 0.11 1.79
C LEU C 342 0.74 0.95 2.97
N GLN C 343 1.73 1.80 2.73
CA GLN C 343 2.34 2.63 3.77
C GLN C 343 2.84 1.77 4.95
N HIS C 344 3.49 0.67 4.61
CA HIS C 344 4.10 -0.23 5.59
C HIS C 344 5.26 0.47 6.31
N GLN C 345 5.18 0.51 7.62
CA GLN C 345 6.17 1.14 8.46
C GLN C 345 6.36 0.28 9.70
N VAL C 346 7.62 0.05 10.06
CA VAL C 346 7.96 -0.57 11.32
C VAL C 346 8.11 0.55 12.35
N THR C 347 6.99 0.97 12.93
CA THR C 347 6.96 1.95 14.00
C THR C 347 5.81 1.64 14.95
N GLU C 348 6.07 1.73 16.26
CA GLU C 348 5.06 1.50 17.28
C GLU C 348 4.18 2.75 17.38
N ASP C 349 3.15 2.78 16.54
CA ASP C 349 2.16 3.88 16.45
C ASP C 349 0.72 3.45 16.70
N GLY C 350 0.52 2.18 17.05
CA GLY C 350 -0.80 1.61 17.23
C GLY C 350 -1.46 1.10 15.98
N GLU C 351 -0.84 1.32 14.81
CA GLU C 351 -1.44 0.96 13.54
C GLU C 351 -0.70 -0.24 12.96
N PHE C 352 -1.46 -1.15 12.37
CA PHE C 352 -0.92 -2.40 11.87
C PHE C 352 -1.86 -3.04 10.86
N TRP C 353 -1.28 -3.79 9.95
CA TRP C 353 -2.06 -4.66 9.08
C TRP C 353 -2.25 -6.01 9.74
N MET C 354 -3.41 -6.60 9.52
CA MET C 354 -3.62 -8.02 9.77
C MET C 354 -4.36 -8.60 8.58
N SER C 355 -4.32 -9.92 8.45
CA SER C 355 -5.04 -10.60 7.37
C SER C 355 -6.54 -10.50 7.66
N TYR C 356 -7.33 -10.47 6.58
CA TYR C 356 -8.76 -10.45 6.72
C TYR C 356 -9.28 -11.68 7.50
N GLU C 357 -8.64 -12.83 7.30
CA GLU C 357 -9.06 -14.04 7.97
C GLU C 357 -8.82 -13.96 9.48
N ASP C 358 -7.63 -13.50 9.88
CA ASP C 358 -7.31 -13.32 11.30
C ASP C 358 -8.23 -12.27 11.95
N PHE C 359 -8.60 -11.25 11.18
CA PHE C 359 -9.49 -10.18 11.62
C PHE C 359 -10.86 -10.71 12.07
N ILE C 360 -11.53 -11.45 11.18
CA ILE C 360 -12.88 -11.99 11.49
C ILE C 360 -12.83 -13.07 12.58
N TYR C 361 -11.70 -13.77 12.68
CA TYR C 361 -11.48 -14.74 13.75
C TYR C 361 -11.39 -14.11 15.16
N HIS C 362 -10.74 -12.96 15.27
CA HIS C 362 -10.53 -12.29 16.57
C HIS C 362 -11.59 -11.26 16.95
N PHE C 363 -12.06 -10.48 15.99
CA PHE C 363 -12.97 -9.36 16.30
C PHE C 363 -14.41 -9.85 16.28
N THR C 364 -15.26 -9.19 17.08
CA THR C 364 -16.66 -9.59 17.23
C THR C 364 -17.67 -8.56 16.76
N LYS C 365 -17.46 -7.28 17.09
CA LYS C 365 -18.35 -6.19 16.64
C LYS C 365 -17.71 -5.41 15.49
N LEU C 366 -18.51 -5.04 14.50
CA LEU C 366 -18.13 -4.07 13.48
C LEU C 366 -19.23 -3.02 13.39
N GLU C 367 -18.84 -1.76 13.43
CA GLU C 367 -19.76 -0.61 13.42
C GLU C 367 -19.44 0.28 12.24
N ILE C 368 -20.42 0.54 11.38
CA ILE C 368 -20.24 1.44 10.22
C ILE C 368 -21.21 2.61 10.32
N CYS C 369 -20.70 3.83 10.22
CA CYS C 369 -21.52 5.03 10.16
C CYS C 369 -21.53 5.53 8.73
N ASN C 370 -22.68 5.36 8.09
CA ASN C 370 -22.89 5.69 6.65
C ASN C 370 -23.44 7.09 6.43
N LEU C 371 -22.87 7.81 5.46
CA LEU C 371 -23.23 9.20 5.23
C LEU C 371 -24.55 9.37 4.44
N THR C 372 -24.82 8.46 3.50
CA THR C 372 -25.79 8.75 2.43
C THR C 372 -27.24 8.66 2.93
N LYS D 14 32.46 -11.38 -29.25
CA LYS D 14 31.79 -12.67 -28.97
C LYS D 14 30.39 -12.73 -29.59
N THR D 15 29.98 -13.91 -30.04
CA THR D 15 28.66 -14.11 -30.66
C THR D 15 27.54 -14.19 -29.63
N PHE D 16 26.31 -13.98 -30.11
CA PHE D 16 25.11 -14.08 -29.28
C PHE D 16 25.08 -15.38 -28.50
N GLU D 17 25.33 -16.50 -29.19
CA GLU D 17 25.31 -17.83 -28.57
C GLU D 17 26.27 -17.93 -27.39
N GLN D 18 27.49 -17.46 -27.59
CA GLN D 18 28.50 -17.46 -26.55
C GLN D 18 28.07 -16.63 -25.34
N LEU D 19 27.64 -15.40 -25.59
CA LEU D 19 27.18 -14.51 -24.53
C LEU D 19 25.96 -15.02 -23.79
N HIS D 20 24.99 -15.55 -24.54
CA HIS D 20 23.75 -16.13 -23.99
C HIS D 20 24.06 -17.27 -23.01
N LYS D 21 24.92 -18.17 -23.46
CA LYS D 21 25.29 -19.36 -22.67
C LYS D 21 26.06 -18.97 -21.40
N LYS D 22 26.97 -18.01 -21.55
CA LYS D 22 27.74 -17.46 -20.42
C LYS D 22 26.85 -16.81 -19.35
N CYS D 23 25.87 -16.02 -19.78
CA CYS D 23 24.92 -15.41 -18.86
C CYS D 23 24.07 -16.43 -18.11
N LEU D 24 23.66 -17.49 -18.82
CA LEU D 24 22.89 -18.57 -18.19
C LEU D 24 23.73 -19.34 -17.17
N GLU D 25 24.98 -19.62 -17.52
CA GLU D 25 25.95 -20.24 -16.60
C GLU D 25 26.19 -19.40 -15.35
N LYS D 26 26.45 -18.11 -15.54
CA LYS D 26 26.67 -17.20 -14.41
C LYS D 26 25.40 -16.80 -13.65
N LYS D 27 24.22 -17.12 -14.19
CA LYS D 27 22.92 -16.76 -13.59
C LYS D 27 22.74 -15.23 -13.42
N VAL D 28 23.07 -14.49 -14.48
CA VAL D 28 22.98 -13.03 -14.49
C VAL D 28 22.27 -12.55 -15.75
N LEU D 29 21.55 -11.44 -15.63
CA LEU D 29 20.98 -10.78 -16.79
C LEU D 29 22.06 -9.96 -17.49
N TYR D 30 22.13 -10.09 -18.82
CA TYR D 30 23.14 -9.41 -19.62
C TYR D 30 23.01 -7.89 -19.54
N VAL D 31 24.13 -7.19 -19.42
CA VAL D 31 24.21 -5.74 -19.58
C VAL D 31 25.22 -5.47 -20.69
N ASP D 32 24.79 -4.76 -21.73
CA ASP D 32 25.58 -4.55 -22.95
C ASP D 32 26.65 -3.46 -22.71
N PRO D 33 27.95 -3.84 -22.74
CA PRO D 33 28.99 -2.81 -22.58
C PRO D 33 29.04 -1.79 -23.71
N GLU D 34 28.82 -2.25 -24.95
CA GLU D 34 28.89 -1.39 -26.14
C GLU D 34 27.73 -0.38 -26.28
N PHE D 35 26.56 -0.68 -25.72
CA PHE D 35 25.34 0.16 -25.85
C PHE D 35 24.55 0.15 -24.53
N PRO D 36 25.14 0.73 -23.46
CA PRO D 36 24.63 0.58 -22.10
C PRO D 36 23.35 1.35 -21.82
N PRO D 37 22.63 0.97 -20.76
CA PRO D 37 21.36 1.60 -20.45
C PRO D 37 21.54 2.89 -19.68
N ASP D 38 22.00 3.92 -20.38
CA ASP D 38 22.23 5.26 -19.79
C ASP D 38 22.00 6.33 -20.87
N GLU D 39 22.23 7.59 -20.52
CA GLU D 39 21.97 8.69 -21.45
C GLU D 39 22.80 8.68 -22.73
N THR D 40 23.96 8.03 -22.72
CA THR D 40 24.82 8.02 -23.91
C THR D 40 24.15 7.29 -25.09
N SER D 41 23.45 6.21 -24.78
CA SER D 41 22.75 5.44 -25.80
C SER D 41 21.55 6.17 -26.38
N LEU D 42 20.91 7.03 -25.58
CA LEU D 42 19.74 7.74 -26.05
C LEU D 42 20.05 8.91 -26.98
N PHE D 43 20.84 9.86 -26.48
CA PHE D 43 21.10 11.10 -27.22
C PHE D 43 22.57 11.46 -27.30
N TYR D 44 22.95 12.08 -28.40
CA TYR D 44 24.36 12.46 -28.56
C TYR D 44 24.52 13.96 -28.66
N SER D 45 23.49 14.68 -29.15
CA SER D 45 23.60 16.12 -29.28
C SER D 45 22.64 16.82 -28.32
N GLN D 46 21.53 17.31 -28.84
CA GLN D 46 20.52 17.95 -28.03
C GLN D 46 20.03 16.86 -27.09
N LYS D 47 20.02 17.18 -25.81
CA LYS D 47 19.60 16.22 -24.78
C LYS D 47 18.08 16.14 -24.75
N PHE D 48 17.59 15.11 -24.09
CA PHE D 48 16.17 15.02 -23.84
C PHE D 48 16.03 15.67 -22.47
N PRO D 49 15.15 16.70 -22.34
CA PRO D 49 14.99 17.31 -21.01
C PRO D 49 14.34 16.40 -19.96
N ILE D 50 13.35 15.58 -20.35
CA ILE D 50 12.80 14.55 -19.46
C ILE D 50 13.81 13.42 -19.24
N GLN D 51 13.86 12.92 -18.01
CA GLN D 51 14.73 11.80 -17.71
C GLN D 51 13.93 10.51 -17.84
N PHE D 52 14.50 9.55 -18.57
CA PHE D 52 13.90 8.22 -18.70
C PHE D 52 14.54 7.22 -17.75
N VAL D 53 13.74 6.25 -17.33
CA VAL D 53 14.22 5.11 -16.55
C VAL D 53 14.31 3.91 -17.48
N TRP D 54 15.41 3.18 -17.42
CA TRP D 54 15.57 1.96 -18.19
C TRP D 54 15.04 0.79 -17.37
N LYS D 55 14.15 0.02 -17.98
CA LYS D 55 13.59 -1.17 -17.36
C LYS D 55 13.58 -2.28 -18.38
N ARG D 56 13.65 -3.51 -17.89
CA ARG D 56 13.50 -4.70 -18.73
C ARG D 56 12.01 -5.09 -18.78
N PRO D 57 11.56 -5.75 -19.87
CA PRO D 57 10.13 -6.06 -19.98
C PRO D 57 9.51 -6.85 -18.81
N PRO D 58 10.23 -7.79 -18.20
CA PRO D 58 9.75 -8.40 -16.94
C PRO D 58 9.49 -7.41 -15.79
N GLU D 59 10.26 -6.32 -15.70
CA GLU D 59 10.03 -5.25 -14.74
C GLU D 59 8.83 -4.36 -15.12
N ILE D 60 8.42 -4.35 -16.40
CA ILE D 60 7.33 -3.48 -16.91
C ILE D 60 5.95 -4.12 -16.77
N CYS D 61 5.87 -5.43 -17.02
CA CYS D 61 4.62 -6.17 -16.90
C CYS D 61 4.88 -7.60 -16.44
N GLU D 62 3.87 -8.24 -15.85
CA GLU D 62 4.03 -9.57 -15.24
C GLU D 62 4.42 -10.66 -16.22
N ASN D 63 3.81 -10.65 -17.40
CA ASN D 63 3.99 -11.72 -18.38
C ASN D 63 4.41 -11.19 -19.74
N PRO D 64 5.66 -10.72 -19.84
CA PRO D 64 6.11 -10.21 -21.12
C PRO D 64 6.27 -11.34 -22.12
N ARG D 65 6.08 -11.01 -23.40
CA ARG D 65 6.28 -11.95 -24.51
C ARG D 65 7.05 -11.26 -25.62
N PHE D 66 7.91 -12.00 -26.31
CA PHE D 66 8.59 -11.49 -27.48
C PHE D 66 7.58 -11.23 -28.59
N ILE D 67 6.89 -12.29 -29.04
CA ILE D 67 5.92 -12.18 -30.12
C ILE D 67 4.59 -12.76 -29.63
N ILE D 68 3.52 -11.99 -29.77
CA ILE D 68 2.15 -12.40 -29.47
C ILE D 68 1.34 -12.30 -30.75
N ASP D 69 0.70 -13.40 -31.15
CA ASP D 69 -0.15 -13.49 -32.36
C ASP D 69 0.58 -13.06 -33.63
N GLY D 70 1.82 -13.48 -33.74
CA GLY D 70 2.66 -13.13 -34.88
C GLY D 70 3.20 -11.71 -34.84
N ALA D 71 4.16 -11.46 -35.73
CA ALA D 71 4.71 -10.13 -35.91
C ALA D 71 3.93 -9.44 -37.03
N ASN D 72 3.04 -8.54 -36.64
CA ASN D 72 2.13 -7.83 -37.53
C ASN D 72 2.42 -6.35 -37.51
N ARG D 73 1.98 -5.68 -38.54
CA ARG D 73 2.04 -4.25 -38.61
C ARG D 73 1.35 -3.52 -37.45
N THR D 74 0.30 -4.10 -36.87
CA THR D 74 -0.35 -3.50 -35.68
C THR D 74 0.57 -3.43 -34.43
N ASP D 75 1.67 -4.19 -34.45
CA ASP D 75 2.69 -4.18 -33.41
C ASP D 75 3.68 -3.04 -33.50
N ILE D 76 3.60 -2.24 -34.54
CA ILE D 76 4.54 -1.14 -34.78
C ILE D 76 3.81 0.18 -34.57
N CYS D 77 3.93 0.73 -33.38
CA CYS D 77 3.31 2.01 -33.05
C CYS D 77 4.34 3.00 -32.55
N GLN D 78 4.41 4.14 -33.22
CA GLN D 78 5.44 5.13 -32.97
C GLN D 78 5.27 5.80 -31.62
N GLY D 79 6.37 6.12 -30.98
CA GLY D 79 6.36 6.84 -29.70
C GLY D 79 6.97 8.22 -29.86
N GLU D 80 7.72 8.65 -28.85
CA GLU D 80 8.26 10.02 -28.81
C GLU D 80 9.60 10.12 -29.53
N LEU D 81 9.67 9.61 -30.75
CA LEU D 81 10.91 9.64 -31.51
C LEU D 81 10.55 9.59 -32.97
N GLY D 82 11.11 10.52 -33.73
CA GLY D 82 10.72 10.70 -35.11
C GLY D 82 11.45 9.72 -36.00
N ASP D 83 11.07 8.44 -35.93
CA ASP D 83 11.66 7.43 -36.76
C ASP D 83 10.61 6.72 -37.63
N CYS D 84 9.57 7.45 -38.02
CA CYS D 84 8.54 6.97 -38.94
C CYS D 84 9.09 6.31 -40.20
N TRP D 85 10.21 6.83 -40.70
CA TRP D 85 10.89 6.27 -41.88
C TRP D 85 11.24 4.81 -41.71
N PHE D 86 11.69 4.47 -40.50
CA PHE D 86 12.11 3.14 -40.13
C PHE D 86 10.89 2.27 -39.77
N LEU D 87 9.94 2.86 -39.06
CA LEU D 87 8.75 2.13 -38.63
C LEU D 87 7.86 1.75 -39.79
N ALA D 88 7.75 2.63 -40.77
CA ALA D 88 7.01 2.34 -41.98
C ALA D 88 7.62 1.15 -42.69
N ALA D 89 8.96 1.10 -42.71
CA ALA D 89 9.66 -0.02 -43.32
C ALA D 89 9.43 -1.37 -42.63
N ILE D 90 9.42 -1.40 -41.30
CA ILE D 90 9.18 -2.67 -40.59
C ILE D 90 7.77 -3.13 -40.85
N ALA D 91 6.83 -2.20 -40.75
CA ALA D 91 5.44 -2.49 -41.03
C ALA D 91 5.28 -3.11 -42.41
N CYS D 92 5.94 -2.53 -43.42
CA CYS D 92 5.97 -3.10 -44.77
C CYS D 92 6.52 -4.52 -44.77
N LEU D 93 7.64 -4.70 -44.09
CA LEU D 93 8.30 -6.00 -43.97
C LEU D 93 7.37 -7.09 -43.41
N THR D 94 6.48 -6.77 -42.47
CA THR D 94 5.59 -7.78 -41.89
C THR D 94 4.59 -8.34 -42.90
N LEU D 95 4.38 -7.63 -44.01
CA LEU D 95 3.58 -8.15 -45.13
C LEU D 95 4.26 -9.28 -45.88
N ASN D 96 5.55 -9.49 -45.64
CA ASN D 96 6.28 -10.55 -46.26
C ASN D 96 7.03 -11.30 -45.15
N GLN D 97 6.30 -12.19 -44.48
CA GLN D 97 6.77 -12.91 -43.27
C GLN D 97 8.05 -13.71 -43.52
N HIS D 98 8.10 -14.36 -44.66
CA HIS D 98 9.32 -15.00 -45.17
C HIS D 98 10.59 -14.14 -44.91
N LEU D 99 10.55 -12.87 -45.33
CA LEU D 99 11.69 -11.98 -45.16
C LEU D 99 11.84 -11.47 -43.76
N LEU D 100 10.73 -11.25 -43.07
CA LEU D 100 10.75 -10.79 -41.69
C LEU D 100 11.61 -11.65 -40.79
N PHE D 101 11.51 -12.97 -40.93
CA PHE D 101 12.21 -13.89 -40.03
C PHE D 101 13.70 -14.00 -40.27
N ARG D 102 14.23 -13.40 -41.33
CA ARG D 102 15.68 -13.23 -41.48
C ARG D 102 16.23 -12.12 -40.63
N VAL D 103 15.36 -11.16 -40.30
CA VAL D 103 15.74 -10.01 -39.49
C VAL D 103 15.49 -10.28 -38.02
N ILE D 104 14.40 -11.00 -37.74
CA ILE D 104 13.99 -11.33 -36.39
C ILE D 104 14.19 -12.83 -36.17
N PRO D 105 15.19 -13.21 -35.36
CA PRO D 105 15.30 -14.57 -34.90
C PRO D 105 14.13 -14.92 -33.96
N HIS D 106 13.42 -15.95 -34.34
CA HIS D 106 12.17 -16.38 -33.78
C HIS D 106 12.33 -17.21 -32.48
N ASP D 107 13.53 -17.79 -32.34
CA ASP D 107 13.90 -18.61 -31.20
C ASP D 107 14.34 -17.74 -30.02
N GLN D 108 13.43 -16.87 -29.56
CA GLN D 108 13.76 -15.87 -28.53
C GLN D 108 12.54 -15.68 -27.67
N SER D 109 12.78 -15.56 -26.37
CA SER D 109 11.72 -15.70 -25.39
C SER D 109 12.08 -15.14 -24.02
N PHE D 110 11.03 -14.69 -23.34
CA PHE D 110 11.07 -14.31 -21.94
C PHE D 110 10.78 -15.49 -20.99
N ILE D 111 10.14 -16.54 -21.50
CA ILE D 111 9.70 -17.67 -20.66
C ILE D 111 10.58 -18.91 -20.78
N GLU D 112 11.62 -18.89 -21.60
CA GLU D 112 12.53 -20.03 -21.77
C GLU D 112 13.92 -19.54 -22.12
N ASN D 113 14.92 -19.93 -21.33
CA ASN D 113 16.32 -19.49 -21.47
C ASN D 113 16.50 -17.98 -21.45
N TYR D 114 15.69 -17.28 -20.66
CA TYR D 114 15.78 -15.83 -20.57
C TYR D 114 17.05 -15.47 -19.80
N ALA D 115 17.92 -14.69 -20.44
CA ALA D 115 19.15 -14.18 -19.81
C ALA D 115 19.31 -12.68 -20.02
N GLY D 116 18.21 -11.99 -20.28
CA GLY D 116 18.21 -10.55 -20.58
C GLY D 116 18.96 -10.13 -21.85
N ILE D 117 19.05 -11.02 -22.83
CA ILE D 117 19.82 -10.78 -24.04
C ILE D 117 19.04 -11.21 -25.29
N PHE D 118 19.10 -10.38 -26.32
CA PHE D 118 18.38 -10.63 -27.58
C PHE D 118 19.25 -10.22 -28.73
N HIS D 119 18.87 -10.64 -29.92
CA HIS D 119 19.60 -10.25 -31.13
C HIS D 119 18.73 -10.13 -32.35
N PHE D 120 19.21 -9.37 -33.32
CA PHE D 120 18.53 -9.16 -34.61
C PHE D 120 19.56 -9.11 -35.71
N GLN D 121 19.12 -9.29 -36.94
CA GLN D 121 20.02 -9.24 -38.09
C GLN D 121 19.65 -8.21 -39.13
N PHE D 122 20.62 -7.42 -39.54
CA PHE D 122 20.44 -6.42 -40.60
C PHE D 122 21.44 -6.66 -41.72
N TRP D 123 21.08 -6.23 -42.92
CA TRP D 123 21.92 -6.33 -44.11
C TRP D 123 22.74 -5.06 -44.23
N ARG D 124 24.04 -5.17 -44.10
CA ARG D 124 24.96 -4.01 -44.07
C ARG D 124 26.25 -4.27 -44.84
N TYR D 125 26.45 -3.50 -45.90
CA TYR D 125 27.67 -3.57 -46.73
C TYR D 125 27.85 -4.95 -47.30
N GLY D 126 26.75 -5.49 -47.82
CA GLY D 126 26.76 -6.74 -48.56
C GLY D 126 26.78 -8.01 -47.74
N GLU D 127 26.50 -7.92 -46.44
CA GLU D 127 26.38 -9.13 -45.61
C GLU D 127 25.39 -8.95 -44.46
N TRP D 128 24.93 -10.07 -43.93
CA TRP D 128 24.12 -10.05 -42.72
C TRP D 128 25.00 -9.76 -41.53
N VAL D 129 24.51 -8.90 -40.67
CA VAL D 129 25.23 -8.46 -39.51
C VAL D 129 24.34 -8.79 -38.34
N ASP D 130 24.89 -9.44 -37.32
CA ASP D 130 24.14 -9.75 -36.10
C ASP D 130 24.38 -8.62 -35.09
N VAL D 131 23.32 -8.18 -34.44
CA VAL D 131 23.37 -7.08 -33.48
C VAL D 131 22.78 -7.56 -32.17
N VAL D 132 23.62 -7.64 -31.14
CA VAL D 132 23.23 -8.12 -29.81
C VAL D 132 22.93 -6.93 -28.89
N ILE D 133 21.90 -7.09 -28.07
CA ILE D 133 21.47 -6.03 -27.14
C ILE D 133 21.04 -6.65 -25.81
N ASP D 134 21.16 -5.87 -24.74
CA ASP D 134 20.46 -6.22 -23.51
C ASP D 134 19.00 -5.80 -23.77
N ASP D 135 18.08 -6.24 -22.93
CA ASP D 135 16.66 -5.88 -23.11
C ASP D 135 16.19 -4.72 -22.25
N CYS D 136 17.11 -3.93 -21.68
CA CYS D 136 16.73 -2.68 -20.98
C CYS D 136 16.19 -1.71 -22.04
N LEU D 137 15.01 -1.17 -21.77
CA LEU D 137 14.36 -0.24 -22.67
C LEU D 137 14.01 1.04 -21.92
N PRO D 138 14.04 2.19 -22.61
CA PRO D 138 13.62 3.44 -21.97
C PRO D 138 12.14 3.45 -21.65
N THR D 139 11.82 3.96 -20.47
CA THR D 139 10.44 4.03 -19.99
C THR D 139 10.18 5.33 -19.24
N TYR D 140 8.90 5.70 -19.22
CA TYR D 140 8.45 6.78 -18.37
C TYR D 140 7.10 6.42 -17.78
N ASN D 141 7.04 6.48 -16.45
CA ASN D 141 5.93 5.97 -15.65
C ASN D 141 5.62 4.54 -16.02
N ASN D 142 6.68 3.75 -16.12
CA ASN D 142 6.57 2.33 -16.41
C ASN D 142 5.85 1.99 -17.73
N GLN D 143 6.02 2.84 -18.73
CA GLN D 143 5.54 2.57 -20.08
C GLN D 143 6.65 2.93 -21.03
N LEU D 144 6.70 2.25 -22.17
CA LEU D 144 7.71 2.50 -23.18
C LEU D 144 7.47 3.87 -23.80
N VAL D 145 8.53 4.65 -23.94
CA VAL D 145 8.42 6.02 -24.46
C VAL D 145 8.52 6.04 -25.98
N PHE D 146 9.37 5.17 -26.51
CA PHE D 146 9.56 5.00 -27.95
C PHE D 146 8.57 3.97 -28.47
N THR D 147 8.90 3.31 -29.58
CA THR D 147 8.00 2.37 -30.22
C THR D 147 7.55 1.23 -29.31
N LYS D 148 6.26 0.95 -29.38
CA LYS D 148 5.61 -0.13 -28.67
C LYS D 148 4.67 -0.88 -29.64
N SER D 149 4.15 -2.02 -29.20
CA SER D 149 3.06 -2.70 -29.89
C SER D 149 1.77 -2.22 -29.26
N ASN D 150 0.67 -2.36 -30.00
CA ASN D 150 -0.64 -2.05 -29.42
C ASN D 150 -1.08 -3.11 -28.38
N HIS D 151 -0.38 -4.25 -28.35
CA HIS D 151 -0.49 -5.20 -27.25
C HIS D 151 0.58 -4.85 -26.19
N ARG D 152 0.14 -4.58 -24.97
CA ARG D 152 1.03 -4.04 -23.92
C ARG D 152 2.13 -4.99 -23.47
N ASN D 153 1.89 -6.30 -23.64
CA ASN D 153 2.84 -7.35 -23.29
C ASN D 153 3.81 -7.80 -24.38
N GLU D 154 3.66 -7.26 -25.60
CA GLU D 154 4.48 -7.68 -26.75
C GLU D 154 5.67 -6.74 -26.87
N PHE D 155 6.85 -7.28 -27.08
CA PHE D 155 8.09 -6.50 -27.04
C PHE D 155 9.06 -6.61 -28.22
N TRP D 156 8.77 -7.42 -29.24
CA TRP D 156 9.72 -7.57 -30.36
C TRP D 156 10.03 -6.26 -31.10
N SER D 157 9.01 -5.41 -31.28
CA SER D 157 9.20 -4.18 -32.04
C SER D 157 9.98 -3.12 -31.25
N ALA D 158 9.78 -3.06 -29.95
CA ALA D 158 10.59 -2.22 -29.06
C ALA D 158 12.06 -2.61 -29.07
N LEU D 159 12.30 -3.91 -29.01
CA LEU D 159 13.66 -4.44 -29.02
C LEU D 159 14.34 -4.31 -30.38
N LEU D 160 13.58 -4.43 -31.46
CA LEU D 160 14.12 -4.25 -32.81
C LEU D 160 14.61 -2.82 -33.01
N GLU D 161 13.79 -1.86 -32.58
CA GLU D 161 14.14 -0.45 -32.58
C GLU D 161 15.42 -0.18 -31.78
N LYS D 162 15.55 -0.79 -30.60
CA LYS D 162 16.77 -0.64 -29.80
C LYS D 162 17.99 -1.14 -30.57
N ALA D 163 17.87 -2.31 -31.17
CA ALA D 163 18.96 -2.90 -31.95
C ALA D 163 19.36 -2.05 -33.14
N TYR D 164 18.38 -1.45 -33.81
CA TYR D 164 18.65 -0.56 -34.94
C TYR D 164 19.25 0.76 -34.48
N ALA D 165 18.80 1.24 -33.33
CA ALA D 165 19.41 2.40 -32.69
C ALA D 165 20.86 2.13 -32.33
N LYS D 166 21.13 0.94 -31.81
CA LYS D 166 22.52 0.56 -31.49
C LYS D 166 23.41 0.57 -32.74
N LEU D 167 22.90 0.04 -33.84
CA LEU D 167 23.61 0.04 -35.11
C LEU D 167 23.95 1.45 -35.62
N HIS D 168 23.12 2.45 -35.27
CA HIS D 168 23.39 3.86 -35.57
C HIS D 168 24.07 4.66 -34.43
N GLY D 169 24.35 4.03 -33.29
CA GLY D 169 25.04 4.66 -32.16
C GLY D 169 24.16 5.24 -31.06
N SER D 170 22.91 5.54 -31.39
CA SER D 170 21.96 6.09 -30.43
C SER D 170 20.53 6.11 -30.92
N TYR D 171 19.60 6.27 -29.99
CA TYR D 171 18.20 6.50 -30.37
C TYR D 171 18.07 7.79 -31.20
N GLU D 172 18.83 8.82 -30.82
CA GLU D 172 18.77 10.09 -31.52
C GLU D 172 19.20 10.01 -32.97
N ALA D 173 20.11 9.08 -33.25
CA ALA D 173 20.57 8.86 -34.61
C ALA D 173 19.51 8.31 -35.56
N LEU D 174 18.36 7.90 -35.03
CA LEU D 174 17.22 7.47 -35.86
C LEU D 174 16.25 8.60 -36.21
N LYS D 175 16.55 9.84 -35.82
CA LYS D 175 15.62 10.97 -35.99
C LYS D 175 15.37 11.32 -37.46
N GLY D 176 16.42 11.40 -38.24
CA GLY D 176 16.23 11.62 -39.68
C GLY D 176 16.37 10.31 -40.38
N GLY D 177 15.82 10.21 -41.58
CA GLY D 177 16.11 9.07 -42.45
C GLY D 177 15.14 8.88 -43.59
N ASN D 178 15.51 7.96 -44.47
CA ASN D 178 14.67 7.63 -45.63
C ASN D 178 14.16 6.22 -45.49
N THR D 179 12.88 6.00 -45.77
CA THR D 179 12.29 4.66 -45.69
C THR D 179 13.09 3.62 -46.45
N THR D 180 13.60 3.99 -47.62
CA THR D 180 14.40 3.07 -48.44
C THR D 180 15.70 2.63 -47.78
N GLU D 181 16.32 3.47 -46.95
CA GLU D 181 17.53 3.07 -46.22
C GLU D 181 17.25 1.85 -45.32
N ALA D 182 16.12 1.90 -44.62
CA ALA D 182 15.64 0.82 -43.76
C ALA D 182 15.19 -0.42 -44.53
N MET D 183 14.45 -0.23 -45.63
CA MET D 183 14.02 -1.35 -46.46
C MET D 183 15.21 -2.17 -46.96
N GLU D 184 16.29 -1.50 -47.34
CA GLU D 184 17.52 -2.18 -47.80
C GLU D 184 18.22 -2.87 -46.65
N ASP D 185 18.20 -2.26 -45.48
CA ASP D 185 18.74 -2.89 -44.26
C ASP D 185 18.00 -4.18 -43.85
N PHE D 186 16.72 -4.28 -44.19
CA PHE D 186 15.95 -5.48 -43.89
C PHE D 186 15.94 -6.55 -44.98
N THR D 187 16.20 -6.16 -46.23
CA THR D 187 16.04 -7.07 -47.36
C THR D 187 17.24 -7.27 -48.26
N GLY D 188 18.21 -6.37 -48.24
CA GLY D 188 19.24 -6.30 -49.29
C GLY D 188 18.70 -5.99 -50.69
N GLY D 189 17.50 -5.42 -50.77
CA GLY D 189 16.89 -5.11 -52.05
C GLY D 189 17.48 -3.85 -52.64
N VAL D 190 17.02 -3.51 -53.83
CA VAL D 190 17.42 -2.28 -54.49
C VAL D 190 16.21 -1.38 -54.49
N ALA D 191 16.40 -0.17 -53.96
CA ALA D 191 15.34 0.83 -53.89
C ALA D 191 15.18 1.58 -55.21
N GLU D 192 13.96 1.97 -55.53
CA GLU D 192 13.67 2.86 -56.66
C GLU D 192 12.55 3.82 -56.28
N PHE D 193 12.60 5.04 -56.81
CA PHE D 193 11.73 6.13 -56.34
C PHE D 193 10.87 6.62 -57.50
N PHE D 194 9.66 7.05 -57.18
CA PHE D 194 8.75 7.63 -58.14
C PHE D 194 8.24 8.96 -57.62
N GLU D 195 8.34 9.98 -58.46
CA GLU D 195 7.61 11.22 -58.21
C GLU D 195 6.23 10.98 -58.80
N ILE D 196 5.21 11.05 -57.96
CA ILE D 196 3.86 10.66 -58.34
C ILE D 196 3.27 11.62 -59.40
N ARG D 197 3.80 12.83 -59.53
CA ARG D 197 3.40 13.74 -60.62
C ARG D 197 3.92 13.27 -62.00
N ASP D 198 5.07 12.61 -62.03
CA ASP D 198 5.56 11.90 -63.24
C ASP D 198 5.17 10.40 -63.22
N ALA D 199 4.10 10.05 -62.52
CA ALA D 199 3.69 8.66 -62.42
C ALA D 199 3.26 8.21 -63.80
N PRO D 200 3.74 7.04 -64.26
CA PRO D 200 3.25 6.48 -65.51
C PRO D 200 1.76 6.21 -65.42
N SER D 201 1.14 5.98 -66.57
CA SER D 201 -0.32 5.77 -66.61
C SER D 201 -0.75 4.52 -65.82
N ASP D 202 0.15 3.55 -65.76
CA ASP D 202 -0.14 2.21 -65.25
C ASP D 202 0.47 1.97 -63.85
N MET D 203 0.61 3.01 -63.04
CA MET D 203 1.32 2.86 -61.78
C MET D 203 0.56 2.00 -60.76
N TYR D 204 -0.77 2.04 -60.77
CA TYR D 204 -1.56 1.09 -59.98
C TYR D 204 -1.05 -0.34 -60.28
N LYS D 205 -0.97 -0.67 -61.56
CA LYS D 205 -0.47 -1.98 -61.99
C LYS D 205 0.95 -2.30 -61.49
N ILE D 206 1.82 -1.30 -61.52
CA ILE D 206 3.20 -1.41 -61.00
C ILE D 206 3.20 -1.65 -59.48
N MET D 207 2.32 -0.94 -58.80
CA MET D 207 2.18 -1.03 -57.35
C MET D 207 1.63 -2.38 -56.96
N LYS D 208 0.62 -2.83 -57.69
CA LYS D 208 -0.01 -4.15 -57.46
C LYS D 208 0.97 -5.30 -57.71
N LYS D 209 1.71 -5.29 -58.81
CA LYS D 209 2.74 -6.31 -59.04
C LYS D 209 3.84 -6.31 -57.98
N ALA D 210 4.18 -5.14 -57.47
CA ALA D 210 5.23 -4.99 -56.44
C ALA D 210 4.80 -5.60 -55.11
N ILE D 211 3.57 -5.29 -54.68
CA ILE D 211 3.03 -5.81 -53.44
C ILE D 211 2.88 -7.34 -53.49
N GLU D 212 2.36 -7.87 -54.60
CA GLU D 212 2.22 -9.33 -54.83
C GLU D 212 3.54 -10.09 -54.93
N ARG D 213 4.61 -9.42 -55.27
CA ARG D 213 5.96 -10.01 -55.33
C ARG D 213 6.65 -9.97 -53.95
N GLY D 214 6.02 -9.28 -53.00
CA GLY D 214 6.61 -9.07 -51.68
C GLY D 214 7.63 -7.95 -51.64
N SER D 215 7.57 -7.01 -52.58
CA SER D 215 8.41 -5.82 -52.52
C SER D 215 7.79 -4.89 -51.51
N LEU D 216 8.64 -4.15 -50.79
CA LEU D 216 8.18 -3.22 -49.75
C LEU D 216 7.89 -1.86 -50.38
N MET D 217 6.81 -1.20 -49.96
CA MET D 217 6.41 0.07 -50.55
C MET D 217 6.01 1.08 -49.51
N GLY D 218 6.72 2.20 -49.49
CA GLY D 218 6.34 3.37 -48.70
C GLY D 218 5.89 4.52 -49.58
N CYS D 219 5.22 5.50 -48.98
CA CYS D 219 4.94 6.76 -49.63
C CYS D 219 4.91 7.94 -48.66
N SER D 220 4.98 9.15 -49.21
CA SER D 220 4.88 10.37 -48.41
C SER D 220 4.40 11.57 -49.21
N ILE D 221 3.99 12.60 -48.46
CA ILE D 221 3.51 13.86 -49.00
C ILE D 221 4.58 14.88 -48.69
N ASP D 222 5.05 15.59 -49.72
CA ASP D 222 6.13 16.56 -49.56
C ASP D 222 5.64 17.82 -48.82
N TYR D 277 0.97 16.32 -32.49
CA TYR D 277 1.03 14.88 -32.76
C TYR D 277 -0.25 14.25 -33.39
N GLU D 278 -1.36 14.98 -33.41
CA GLU D 278 -2.56 14.57 -34.16
C GLU D 278 -2.51 15.17 -35.58
N THR D 279 -3.61 15.08 -36.31
CA THR D 279 -3.70 15.35 -37.73
C THR D 279 -3.06 16.67 -38.19
N ARG D 280 -2.10 16.58 -39.11
CA ARG D 280 -1.64 17.80 -39.77
C ARG D 280 -2.63 18.40 -40.76
N MET D 281 -3.22 17.57 -41.61
CA MET D 281 -4.11 18.06 -42.67
C MET D 281 -5.55 17.76 -42.36
N ALA D 282 -6.44 18.66 -42.76
CA ALA D 282 -7.88 18.51 -42.49
C ALA D 282 -8.43 17.17 -43.00
N CYS D 283 -7.93 16.74 -44.16
CA CYS D 283 -8.33 15.45 -44.76
C CYS D 283 -7.90 14.19 -44.01
N GLY D 284 -7.04 14.31 -42.98
CA GLY D 284 -6.61 13.16 -42.16
C GLY D 284 -5.20 12.69 -42.41
N LEU D 285 -4.58 13.21 -43.48
CA LEU D 285 -3.22 12.82 -43.85
C LEU D 285 -2.21 13.70 -43.15
N VAL D 286 -0.95 13.26 -43.13
CA VAL D 286 0.11 13.94 -42.43
C VAL D 286 1.23 14.17 -43.44
N ARG D 287 1.68 15.43 -43.57
CA ARG D 287 2.78 15.78 -44.48
C ARG D 287 4.09 15.42 -43.83
N GLY D 288 5.12 15.20 -44.64
CA GLY D 288 6.48 14.94 -44.14
C GLY D 288 6.59 13.67 -43.32
N HIS D 289 5.71 12.72 -43.62
CA HIS D 289 5.50 11.53 -42.81
C HIS D 289 5.46 10.33 -43.71
N ALA D 290 6.16 9.26 -43.27
CA ALA D 290 6.24 8.02 -44.01
C ALA D 290 4.99 7.19 -43.75
N TYR D 291 4.33 6.76 -44.82
CA TYR D 291 3.22 5.81 -44.73
C TYR D 291 3.65 4.48 -45.33
N SER D 292 3.14 3.36 -44.80
CA SER D 292 3.33 2.04 -45.44
C SER D 292 2.19 1.75 -46.39
N VAL D 293 2.51 1.31 -47.59
CA VAL D 293 1.47 0.82 -48.52
C VAL D 293 1.23 -0.64 -48.21
N THR D 294 0.01 -0.97 -47.79
CA THR D 294 -0.31 -2.30 -47.29
C THR D 294 -1.35 -3.05 -48.11
N GLY D 295 -1.77 -2.51 -49.23
CA GLY D 295 -2.71 -3.20 -50.09
C GLY D 295 -3.22 -2.39 -51.26
N LEU D 296 -3.62 -3.11 -52.31
CA LEU D 296 -4.20 -2.52 -53.52
C LEU D 296 -5.29 -3.42 -54.04
N ASP D 297 -6.45 -2.86 -54.34
CA ASP D 297 -7.58 -3.65 -54.79
C ASP D 297 -8.54 -2.85 -55.63
N GLU D 298 -9.39 -3.55 -56.33
CA GLU D 298 -10.55 -2.97 -57.00
C GLU D 298 -11.76 -3.46 -56.24
N VAL D 299 -12.78 -2.63 -56.16
CA VAL D 299 -14.02 -3.00 -55.50
C VAL D 299 -15.19 -2.58 -56.40
N PRO D 300 -16.24 -3.41 -56.50
CA PRO D 300 -17.46 -2.94 -57.18
C PRO D 300 -18.17 -1.85 -56.37
N PHE D 301 -18.56 -0.77 -57.05
CA PHE D 301 -19.26 0.35 -56.41
C PHE D 301 -20.10 1.08 -57.45
N LYS D 302 -21.41 0.84 -57.40
CA LYS D 302 -22.39 1.51 -58.27
C LYS D 302 -22.09 1.27 -59.76
N GLY D 303 -21.86 0.01 -60.11
CA GLY D 303 -21.62 -0.38 -61.49
C GLY D 303 -20.14 -0.47 -61.85
N GLU D 304 -19.42 0.64 -61.70
CA GLU D 304 -18.00 0.68 -62.04
C GLU D 304 -17.16 0.08 -60.90
N LYS D 305 -15.99 -0.45 -61.29
CA LYS D 305 -15.00 -0.97 -60.33
C LYS D 305 -14.03 0.17 -59.97
N VAL D 306 -13.82 0.37 -58.67
CA VAL D 306 -13.03 1.52 -58.16
C VAL D 306 -11.71 1.01 -57.56
N LYS D 307 -10.60 1.54 -58.07
CA LYS D 307 -9.29 1.17 -57.58
C LYS D 307 -9.01 1.82 -56.23
N LEU D 308 -8.55 1.01 -55.28
CA LEU D 308 -8.25 1.46 -53.94
C LEU D 308 -6.79 1.18 -53.56
N VAL D 309 -6.26 2.04 -52.70
CA VAL D 309 -4.95 1.87 -52.11
C VAL D 309 -5.15 1.84 -50.61
N ARG D 310 -4.46 0.94 -49.92
CA ARG D 310 -4.53 0.89 -48.46
C ARG D 310 -3.20 1.30 -47.88
N LEU D 311 -3.25 2.25 -46.95
CA LEU D 311 -2.06 2.78 -46.30
C LEU D 311 -2.16 2.54 -44.81
N ARG D 312 -1.01 2.61 -44.14
CA ARG D 312 -0.95 2.60 -42.67
C ARG D 312 -0.04 3.68 -42.13
N ASN D 313 -0.61 4.56 -41.31
CA ASN D 313 0.16 5.54 -40.56
C ASN D 313 0.91 4.83 -39.42
N PRO D 314 2.25 4.91 -39.38
CA PRO D 314 3.02 4.22 -38.32
C PRO D 314 2.77 4.68 -36.88
N TRP D 315 2.06 5.81 -36.71
CA TRP D 315 1.52 6.21 -35.41
C TRP D 315 0.56 5.19 -34.79
N GLY D 316 -0.10 4.37 -35.61
CA GLY D 316 -1.14 3.49 -35.13
C GLY D 316 -2.47 4.22 -34.96
N GLN D 317 -2.55 5.46 -35.41
CA GLN D 317 -3.76 6.27 -35.33
C GLN D 317 -3.66 7.46 -36.29
N VAL D 318 -4.75 8.21 -36.40
CA VAL D 318 -4.85 9.37 -37.29
C VAL D 318 -4.90 8.92 -38.75
N GLU D 319 -6.13 8.75 -39.23
CA GLU D 319 -6.39 8.20 -40.55
C GLU D 319 -7.07 9.24 -41.47
N TRP D 320 -6.88 9.05 -42.76
CA TRP D 320 -7.68 9.69 -43.79
C TRP D 320 -9.15 9.60 -43.49
N ASN D 321 -9.88 10.70 -43.69
CA ASN D 321 -11.31 10.79 -43.34
C ASN D 321 -12.23 10.98 -44.55
N GLY D 322 -11.64 11.03 -45.75
CA GLY D 322 -12.43 11.16 -46.97
C GLY D 322 -12.97 9.85 -47.48
N SER D 323 -13.20 9.81 -48.79
CA SER D 323 -13.89 8.67 -49.42
C SER D 323 -13.15 7.35 -49.21
N TRP D 324 -13.86 6.35 -48.70
CA TRP D 324 -13.36 4.99 -48.42
C TRP D 324 -12.70 4.85 -47.05
N SER D 325 -12.64 5.94 -46.28
CA SER D 325 -12.19 5.89 -44.90
C SER D 325 -13.10 5.02 -44.08
N ASP D 326 -12.65 4.69 -42.88
CA ASP D 326 -13.37 3.75 -42.00
C ASP D 326 -14.85 4.10 -41.84
N ARG D 327 -15.11 5.35 -41.46
CA ARG D 327 -16.44 5.84 -41.09
C ARG D 327 -17.24 6.48 -42.24
N TRP D 328 -16.79 6.29 -43.47
CA TRP D 328 -17.50 6.76 -44.67
C TRP D 328 -18.81 6.02 -44.79
N LYS D 329 -19.90 6.78 -44.89
CA LYS D 329 -21.25 6.20 -44.92
C LYS D 329 -21.49 5.27 -46.11
N ASP D 330 -20.92 5.61 -47.26
CA ASP D 330 -21.16 4.85 -48.51
C ASP D 330 -20.48 3.47 -48.57
N TRP D 331 -19.81 3.06 -47.49
CA TRP D 331 -19.50 1.65 -47.26
C TRP D 331 -20.77 0.81 -47.23
N SER D 332 -21.88 1.40 -46.79
CA SER D 332 -23.20 0.75 -46.83
C SER D 332 -23.53 0.15 -48.21
N PHE D 333 -23.13 0.86 -49.26
CA PHE D 333 -23.40 0.45 -50.65
C PHE D 333 -22.54 -0.71 -51.17
N VAL D 334 -21.55 -1.15 -50.38
CA VAL D 334 -20.63 -2.23 -50.75
C VAL D 334 -21.10 -3.57 -50.21
N ASP D 335 -20.87 -4.62 -51.00
CA ASP D 335 -21.30 -5.98 -50.67
C ASP D 335 -20.62 -6.49 -49.39
N LYS D 336 -21.33 -7.31 -48.63
CA LYS D 336 -20.81 -7.86 -47.36
C LYS D 336 -19.56 -8.72 -47.55
N ASP D 337 -19.52 -9.51 -48.63
CA ASP D 337 -18.38 -10.38 -48.94
C ASP D 337 -17.14 -9.57 -49.33
N GLU D 338 -17.33 -8.50 -50.09
CA GLU D 338 -16.22 -7.63 -50.48
C GLU D 338 -15.58 -6.94 -49.29
N LYS D 339 -16.40 -6.42 -48.38
CA LYS D 339 -15.90 -5.84 -47.13
C LYS D 339 -15.04 -6.84 -46.35
N ALA D 340 -15.43 -8.12 -46.37
CA ALA D 340 -14.64 -9.17 -45.74
C ALA D 340 -13.32 -9.39 -46.47
N ARG D 341 -13.37 -9.46 -47.81
CA ARG D 341 -12.17 -9.63 -48.63
C ARG D 341 -11.14 -8.51 -48.42
N LEU D 342 -11.63 -7.27 -48.32
CA LEU D 342 -10.77 -6.11 -48.08
C LEU D 342 -10.38 -5.89 -46.62
N GLN D 343 -10.90 -6.73 -45.72
CA GLN D 343 -10.66 -6.62 -44.28
C GLN D 343 -11.03 -5.22 -43.76
N HIS D 344 -12.17 -4.72 -44.21
CA HIS D 344 -12.71 -3.44 -43.77
C HIS D 344 -13.09 -3.50 -42.29
N GLN D 345 -12.54 -2.57 -41.52
CA GLN D 345 -12.78 -2.49 -40.09
C GLN D 345 -12.87 -1.04 -39.70
N VAL D 346 -13.88 -0.71 -38.90
CA VAL D 346 -13.98 0.64 -38.31
C VAL D 346 -13.23 0.59 -36.98
N THR D 347 -11.91 0.77 -37.05
CA THR D 347 -11.05 0.84 -35.87
C THR D 347 -9.93 1.84 -36.12
N GLU D 348 -9.66 2.69 -35.14
CA GLU D 348 -8.57 3.67 -35.24
C GLU D 348 -7.26 2.94 -34.97
N ASP D 349 -6.68 2.39 -36.04
CA ASP D 349 -5.40 1.65 -36.02
C ASP D 349 -4.33 2.24 -36.92
N GLY D 350 -4.62 3.39 -37.54
CA GLY D 350 -3.74 4.01 -38.52
C GLY D 350 -3.86 3.49 -39.93
N GLU D 351 -4.67 2.46 -40.14
CA GLU D 351 -4.80 1.83 -41.47
C GLU D 351 -6.14 2.21 -42.08
N PHE D 352 -6.14 2.47 -43.38
CA PHE D 352 -7.34 2.94 -44.06
C PHE D 352 -7.22 2.74 -45.55
N TRP D 353 -8.36 2.57 -46.20
CA TRP D 353 -8.41 2.59 -47.64
C TRP D 353 -8.65 4.02 -48.12
N MET D 354 -8.04 4.35 -49.25
CA MET D 354 -8.43 5.53 -50.02
C MET D 354 -8.50 5.13 -51.47
N SER D 355 -9.17 5.96 -52.27
CA SER D 355 -9.28 5.71 -53.71
C SER D 355 -7.93 5.95 -54.35
N TYR D 356 -7.64 5.21 -55.42
CA TYR D 356 -6.40 5.41 -56.15
C TYR D 356 -6.28 6.84 -56.68
N GLU D 357 -7.39 7.44 -57.08
CA GLU D 357 -7.35 8.81 -57.61
C GLU D 357 -6.99 9.82 -56.52
N ASP D 358 -7.61 9.70 -55.35
CA ASP D 358 -7.29 10.58 -54.21
C ASP D 358 -5.85 10.39 -53.75
N PHE D 359 -5.37 9.14 -53.83
CA PHE D 359 -3.98 8.79 -53.47
C PHE D 359 -2.96 9.57 -54.30
N ILE D 360 -3.05 9.49 -55.63
CA ILE D 360 -2.09 10.18 -56.52
C ILE D 360 -2.22 11.71 -56.45
N TYR D 361 -3.43 12.20 -56.13
CA TYR D 361 -3.65 13.62 -55.91
C TYR D 361 -2.92 14.18 -54.67
N HIS D 362 -2.90 13.41 -53.58
CA HIS D 362 -2.29 13.88 -52.32
C HIS D 362 -0.84 13.50 -52.11
N PHE D 363 -0.47 12.29 -52.49
CA PHE D 363 0.89 11.79 -52.21
C PHE D 363 1.84 12.19 -53.33
N THR D 364 3.10 12.38 -52.98
CA THR D 364 4.11 12.86 -53.92
C THR D 364 5.24 11.87 -54.20
N LYS D 365 5.78 11.24 -53.15
CA LYS D 365 6.85 10.24 -53.29
C LYS D 365 6.27 8.83 -53.15
N LEU D 366 6.76 7.92 -53.98
CA LEU D 366 6.53 6.48 -53.81
C LEU D 366 7.87 5.78 -53.90
N GLU D 367 8.16 4.93 -52.91
CA GLU D 367 9.45 4.25 -52.77
C GLU D 367 9.20 2.75 -52.77
N ILE D 368 9.84 2.01 -53.68
CA ILE D 368 9.71 0.55 -53.79
C ILE D 368 11.08 -0.09 -53.60
N CYS D 369 11.18 -1.02 -52.67
CA CYS D 369 12.40 -1.80 -52.47
C CYS D 369 12.18 -3.20 -53.06
N ASN D 370 12.83 -3.44 -54.20
CA ASN D 370 12.68 -4.68 -54.98
C ASN D 370 13.73 -5.72 -54.61
N LEU D 371 13.30 -6.97 -54.47
CA LEU D 371 14.17 -8.06 -54.02
C LEU D 371 15.05 -8.59 -55.17
N THR D 372 16.32 -8.81 -54.87
CA THR D 372 17.31 -9.20 -55.89
C THR D 372 17.12 -10.66 -56.29
#